data_1J5B
#
_entry.id   1J5B
#
_cell.length_a   ?
_cell.length_b   ?
_cell.length_c   ?
_cell.angle_alpha   ?
_cell.angle_beta   ?
_cell.angle_gamma   ?
#
_entity_poly.entity_id   1
_entity_poly.type   'polypeptide(L)'
_entity_poly.pdbx_seq_one_letter_code
;DVASDAKAAAELVAANAKAAAELVAANAKAAAEAVAR(NH2)
;
_entity_poly.pdbx_strand_id   A
#
# COMPACT_ATOMS: atom_id res chain seq x y z
N ASP A 1 -7.43 -16.26 16.93
CA ASP A 1 -6.38 -17.15 17.45
C ASP A 1 -5.26 -17.30 16.47
N VAL A 2 -4.11 -17.90 16.81
CA VAL A 2 -2.96 -17.88 15.91
C VAL A 2 -3.28 -18.39 14.49
N ALA A 3 -4.29 -19.24 14.32
CA ALA A 3 -4.74 -19.63 12.99
C ALA A 3 -5.38 -18.44 12.27
N SER A 4 -6.42 -17.87 12.86
CA SER A 4 -7.15 -16.73 12.29
C SER A 4 -6.31 -15.44 12.33
N ASP A 5 -5.63 -15.12 13.43
CA ASP A 5 -4.70 -13.99 13.53
C ASP A 5 -3.65 -14.04 12.44
N ALA A 6 -3.03 -15.20 12.18
CA ALA A 6 -2.04 -15.32 11.11
C ALA A 6 -2.68 -15.09 9.74
N LYS A 7 -3.89 -15.63 9.51
CA LYS A 7 -4.63 -15.43 8.27
C LYS A 7 -4.86 -13.95 8.05
N ALA A 8 -5.50 -13.32 9.03
CA ALA A 8 -5.81 -11.90 9.07
C ALA A 8 -4.55 -11.07 8.87
N ALA A 9 -3.41 -11.45 9.44
CA ALA A 9 -2.14 -10.77 9.26
C ALA A 9 -1.70 -10.78 7.79
N ALA A 10 -1.78 -11.94 7.12
CA ALA A 10 -1.42 -12.06 5.71
C ALA A 10 -2.37 -11.26 4.83
N GLU A 11 -3.66 -11.30 5.13
CA GLU A 11 -4.71 -10.53 4.47
C GLU A 11 -4.47 -9.03 4.62
N LEU A 12 -4.15 -8.56 5.82
CA LEU A 12 -3.87 -7.17 6.11
C LEU A 12 -2.71 -6.70 5.23
N VAL A 13 -1.62 -7.45 5.22
CA VAL A 13 -0.48 -7.19 4.37
C VAL A 13 -0.86 -7.25 2.88
N ALA A 14 -1.78 -8.11 2.43
CA ALA A 14 -2.25 -8.11 1.05
C ALA A 14 -2.97 -6.80 0.71
N ALA A 15 -3.85 -6.35 1.59
CA ALA A 15 -4.54 -5.08 1.45
C ALA A 15 -3.54 -3.92 1.46
N ASN A 16 -2.57 -3.96 2.37
CA ASN A 16 -1.50 -2.98 2.49
C ASN A 16 -0.68 -2.94 1.21
N ALA A 17 -0.30 -4.09 0.65
CA ALA A 17 0.49 -4.16 -0.57
C ALA A 17 -0.20 -3.39 -1.69
N LYS A 18 -1.53 -3.49 -1.80
CA LYS A 18 -2.30 -2.70 -2.76
C LYS A 18 -2.22 -1.23 -2.39
N ALA A 19 -2.74 -0.89 -1.22
CA ALA A 19 -2.85 0.48 -0.75
C ALA A 19 -1.52 1.23 -0.82
N ALA A 20 -0.40 0.54 -0.57
CA ALA A 20 0.96 1.01 -0.70
C ALA A 20 1.28 1.26 -2.16
N ALA A 21 1.08 0.29 -3.06
CA ALA A 21 1.32 0.47 -4.49
C ALA A 21 0.47 1.60 -5.07
N GLU A 22 -0.75 1.75 -4.58
CA GLU A 22 -1.69 2.80 -4.92
C GLU A 22 -1.18 4.15 -4.39
N LEU A 23 -0.60 4.18 -3.18
CA LEU A 23 0.03 5.36 -2.62
C LEU A 23 1.31 5.69 -3.39
N VAL A 24 2.09 4.71 -3.82
CA VAL A 24 3.28 4.83 -4.66
C VAL A 24 2.87 5.46 -6.00
N ALA A 25 1.71 5.13 -6.56
CA ALA A 25 1.19 5.76 -7.76
C ALA A 25 0.89 7.24 -7.49
N ALA A 26 0.21 7.55 -6.38
CA ALA A 26 -0.05 8.93 -5.98
C ALA A 26 1.26 9.69 -5.74
N ASN A 27 2.24 9.06 -5.10
CA ASN A 27 3.59 9.56 -4.88
C ASN A 27 4.31 9.80 -6.19
N ALA A 28 4.13 8.95 -7.19
CA ALA A 28 4.72 9.14 -8.51
C ALA A 28 4.11 10.40 -9.13
N LYS A 29 2.78 10.53 -9.10
CA LYS A 29 2.11 11.73 -9.55
C LYS A 29 2.66 12.94 -8.81
N ALA A 30 2.47 12.98 -7.49
CA ALA A 30 2.82 14.09 -6.64
C ALA A 30 4.30 14.50 -6.76
N ALA A 31 5.21 13.55 -7.00
CA ALA A 31 6.61 13.87 -7.25
C ALA A 31 6.78 14.49 -8.62
N ALA A 32 6.22 13.90 -9.68
CA ALA A 32 6.31 14.41 -11.04
C ALA A 32 5.71 15.82 -11.12
N GLU A 33 4.60 16.03 -10.41
CA GLU A 33 3.92 17.29 -10.23
C GLU A 33 4.89 18.24 -9.53
N ALA A 34 5.47 17.86 -8.38
CA ALA A 34 6.43 18.68 -7.65
C ALA A 34 7.65 19.07 -8.50
N VAL A 35 8.09 18.21 -9.43
CA VAL A 35 9.15 18.50 -10.39
C VAL A 35 8.70 19.62 -11.31
N ALA A 36 7.55 19.48 -11.97
CA ALA A 36 6.99 20.48 -12.88
C ALA A 36 6.75 21.81 -12.15
N ARG A 37 6.28 21.75 -10.90
CA ARG A 37 6.02 22.88 -10.03
C ARG A 37 7.30 23.60 -9.59
N ASP A 1 -7.89 -16.24 16.59
CA ASP A 1 -6.75 -16.90 17.26
C ASP A 1 -5.57 -16.94 16.33
N VAL A 2 -4.37 -17.36 16.75
CA VAL A 2 -3.16 -17.21 15.92
C VAL A 2 -3.34 -17.84 14.53
N ALA A 3 -4.25 -18.80 14.35
CA ALA A 3 -4.57 -19.34 13.04
C ALA A 3 -5.32 -18.28 12.23
N SER A 4 -6.46 -17.84 12.73
CA SER A 4 -7.29 -16.79 12.14
C SER A 4 -6.50 -15.47 12.06
N ASP A 5 -5.98 -14.95 13.17
CA ASP A 5 -5.20 -13.73 13.27
C ASP A 5 -3.97 -13.74 12.35
N ALA A 6 -3.32 -14.88 12.11
CA ALA A 6 -2.23 -14.92 11.12
C ALA A 6 -2.78 -14.86 9.69
N LYS A 7 -3.93 -15.48 9.42
CA LYS A 7 -4.61 -15.38 8.12
C LYS A 7 -4.96 -13.93 7.88
N ALA A 8 -5.59 -13.30 8.86
CA ALA A 8 -5.92 -11.89 8.90
C ALA A 8 -4.66 -11.05 8.67
N ALA A 9 -3.53 -11.40 9.27
CA ALA A 9 -2.28 -10.71 9.06
C ALA A 9 -1.77 -10.84 7.62
N ALA A 10 -1.97 -11.98 6.96
CA ALA A 10 -1.63 -12.14 5.55
C ALA A 10 -2.57 -11.27 4.71
N GLU A 11 -3.87 -11.30 4.99
CA GLU A 11 -4.89 -10.49 4.36
C GLU A 11 -4.59 -8.99 4.53
N LEU A 12 -4.08 -8.58 5.70
CA LEU A 12 -3.68 -7.22 5.98
C LEU A 12 -2.54 -6.81 5.07
N VAL A 13 -1.45 -7.57 5.09
CA VAL A 13 -0.28 -7.36 4.26
C VAL A 13 -0.62 -7.44 2.77
N ALA A 14 -1.63 -8.22 2.38
CA ALA A 14 -2.15 -8.29 1.02
C ALA A 14 -2.85 -6.98 0.63
N ALA A 15 -3.85 -6.56 1.43
CA ALA A 15 -4.58 -5.33 1.20
C ALA A 15 -3.63 -4.13 1.23
N ASN A 16 -2.62 -4.20 2.08
CA ASN A 16 -1.54 -3.22 2.20
C ASN A 16 -0.58 -3.27 1.03
N ALA A 17 -0.33 -4.41 0.40
CA ALA A 17 0.50 -4.48 -0.80
C ALA A 17 -0.11 -3.62 -1.89
N LYS A 18 -1.45 -3.66 -2.01
CA LYS A 18 -2.19 -2.86 -2.96
C LYS A 18 -2.08 -1.41 -2.52
N ALA A 19 -2.52 -1.09 -1.30
CA ALA A 19 -2.52 0.26 -0.76
C ALA A 19 -1.18 0.95 -0.85
N ALA A 20 -0.08 0.21 -0.64
CA ALA A 20 1.27 0.71 -0.75
C ALA A 20 1.57 1.07 -2.19
N ALA A 21 1.34 0.17 -3.15
CA ALA A 21 1.59 0.46 -4.55
C ALA A 21 0.69 1.59 -5.06
N GLU A 22 -0.53 1.68 -4.55
CA GLU A 22 -1.47 2.75 -4.83
C GLU A 22 -0.91 4.08 -4.32
N LEU A 23 -0.34 4.09 -3.12
CA LEU A 23 0.33 5.24 -2.54
C LEU A 23 1.57 5.61 -3.35
N VAL A 24 2.40 4.64 -3.74
CA VAL A 24 3.57 4.81 -4.58
C VAL A 24 3.15 5.38 -5.95
N ALA A 25 2.00 5.01 -6.52
CA ALA A 25 1.50 5.63 -7.74
C ALA A 25 1.10 7.08 -7.48
N ALA A 26 0.46 7.38 -6.35
CA ALA A 26 0.17 8.76 -5.97
C ALA A 26 1.46 9.55 -5.76
N ASN A 27 2.49 8.93 -5.20
CA ASN A 27 3.83 9.48 -5.03
C ASN A 27 4.50 9.67 -6.38
N ALA A 28 4.19 8.82 -7.38
CA ALA A 28 4.68 8.99 -8.74
C ALA A 28 4.11 10.29 -9.30
N LYS A 29 2.78 10.42 -9.23
CA LYS A 29 2.01 11.57 -9.66
C LYS A 29 2.54 12.84 -8.99
N ALA A 30 2.47 12.85 -7.67
CA ALA A 30 2.80 13.95 -6.79
C ALA A 30 4.25 14.43 -6.96
N ALA A 31 5.21 13.52 -7.09
CA ALA A 31 6.61 13.92 -7.25
C ALA A 31 6.81 14.59 -8.61
N ALA A 32 6.26 14.03 -9.69
CA ALA A 32 6.30 14.62 -11.01
C ALA A 32 5.63 16.01 -10.98
N GLU A 33 4.51 16.14 -10.26
CA GLU A 33 3.85 17.40 -10.04
C GLU A 33 4.76 18.38 -9.31
N ALA A 34 5.47 17.96 -8.25
CA ALA A 34 6.42 18.82 -7.57
C ALA A 34 7.53 19.30 -8.51
N VAL A 35 8.01 18.43 -9.41
CA VAL A 35 8.98 18.81 -10.44
C VAL A 35 8.37 19.87 -11.36
N ALA A 36 7.14 19.67 -11.84
CA ALA A 36 6.44 20.61 -12.71
C ALA A 36 6.23 21.96 -12.01
N ARG A 37 5.91 21.94 -10.70
CA ARG A 37 5.80 23.13 -9.87
C ARG A 37 7.15 23.83 -9.67
N ASP A 1 -7.86 -17.09 16.33
CA ASP A 1 -6.70 -17.67 17.02
C ASP A 1 -5.48 -17.62 16.13
N VAL A 2 -4.30 -18.07 16.55
CA VAL A 2 -3.10 -17.93 15.71
C VAL A 2 -3.35 -18.38 14.27
N ALA A 3 -4.17 -19.40 14.06
CA ALA A 3 -4.54 -19.80 12.71
C ALA A 3 -5.30 -18.68 11.98
N SER A 4 -6.47 -18.30 12.49
CA SER A 4 -7.26 -17.27 11.83
C SER A 4 -6.55 -15.91 11.86
N ASP A 5 -5.95 -15.53 13.00
CA ASP A 5 -5.20 -14.31 13.21
C ASP A 5 -3.96 -14.19 12.33
N ALA A 6 -3.21 -15.28 12.09
CA ALA A 6 -2.06 -15.25 11.19
C ALA A 6 -2.51 -15.12 9.74
N LYS A 7 -3.58 -15.83 9.36
CA LYS A 7 -4.18 -15.70 8.04
C LYS A 7 -4.56 -14.25 7.81
N ALA A 8 -5.36 -13.72 8.74
CA ALA A 8 -5.85 -12.37 8.74
C ALA A 8 -4.69 -11.37 8.72
N ALA A 9 -3.55 -11.64 9.34
CA ALA A 9 -2.38 -10.81 9.28
C ALA A 9 -1.79 -10.74 7.88
N ALA A 10 -1.73 -11.87 7.14
CA ALA A 10 -1.25 -11.87 5.76
C ALA A 10 -2.21 -11.12 4.86
N GLU A 11 -3.52 -11.26 5.10
CA GLU A 11 -4.59 -10.55 4.43
C GLU A 11 -4.51 -9.03 4.72
N LEU A 12 -4.27 -8.64 5.96
CA LEU A 12 -4.07 -7.26 6.38
C LEU A 12 -2.90 -6.66 5.61
N VAL A 13 -1.77 -7.35 5.60
CA VAL A 13 -0.59 -7.02 4.82
C VAL A 13 -0.93 -6.91 3.33
N ALA A 14 -1.77 -7.79 2.77
CA ALA A 14 -2.20 -7.70 1.37
C ALA A 14 -2.94 -6.40 1.12
N ALA A 15 -4.00 -6.12 1.91
CA ALA A 15 -4.77 -4.90 1.79
C ALA A 15 -3.87 -3.67 1.93
N ASN A 16 -2.97 -3.69 2.92
CA ASN A 16 -1.95 -2.68 3.14
C ASN A 16 -0.97 -2.52 1.99
N ALA A 17 -0.54 -3.62 1.36
CA ALA A 17 0.36 -3.58 0.21
C ALA A 17 -0.36 -3.03 -1.02
N LYS A 18 -1.67 -3.29 -1.16
CA LYS A 18 -2.49 -2.72 -2.22
C LYS A 18 -2.54 -1.21 -2.01
N ALA A 19 -2.94 -0.79 -0.80
CA ALA A 19 -2.98 0.59 -0.38
C ALA A 19 -1.63 1.28 -0.59
N ALA A 20 -0.52 0.57 -0.35
CA ALA A 20 0.83 1.07 -0.55
C ALA A 20 1.10 1.32 -2.04
N ALA A 21 0.79 0.37 -2.92
CA ALA A 21 0.96 0.54 -4.36
C ALA A 21 0.10 1.69 -4.89
N GLU A 22 -1.10 1.82 -4.37
CA GLU A 22 -2.03 2.91 -4.64
C GLU A 22 -1.40 4.25 -4.22
N LEU A 23 -0.78 4.30 -3.04
CA LEU A 23 -0.12 5.46 -2.48
C LEU A 23 1.08 5.85 -3.33
N VAL A 24 1.93 4.89 -3.69
CA VAL A 24 3.07 5.07 -4.59
C VAL A 24 2.58 5.61 -5.95
N ALA A 25 1.41 5.21 -6.46
CA ALA A 25 0.85 5.77 -7.67
C ALA A 25 0.48 7.24 -7.50
N ALA A 26 -0.17 7.62 -6.40
CA ALA A 26 -0.45 9.02 -6.10
C ALA A 26 0.85 9.81 -5.98
N ASN A 27 1.87 9.22 -5.34
CA ASN A 27 3.22 9.75 -5.25
C ASN A 27 3.92 9.81 -6.59
N ALA A 28 3.58 8.95 -7.56
CA ALA A 28 4.13 9.03 -8.90
C ALA A 28 3.68 10.32 -9.56
N LYS A 29 2.41 10.70 -9.35
CA LYS A 29 1.90 11.97 -9.82
C LYS A 29 2.62 13.09 -9.10
N ALA A 30 2.64 13.04 -7.77
CA ALA A 30 3.24 14.03 -6.89
C ALA A 30 4.68 14.36 -7.30
N ALA A 31 5.49 13.34 -7.56
CA ALA A 31 6.87 13.50 -7.97
C ALA A 31 6.96 14.23 -9.30
N ALA A 32 6.18 13.77 -10.29
CA ALA A 32 6.15 14.37 -11.61
C ALA A 32 5.75 15.84 -11.54
N GLU A 33 4.68 16.12 -10.79
CA GLU A 33 4.18 17.44 -10.46
C GLU A 33 5.29 18.29 -9.84
N ALA A 34 5.93 17.79 -8.78
CA ALA A 34 6.97 18.51 -8.06
C ALA A 34 8.19 18.78 -8.94
N VAL A 35 8.55 17.88 -9.86
CA VAL A 35 9.65 18.07 -10.80
C VAL A 35 9.28 19.19 -11.76
N ALA A 36 8.16 19.04 -12.47
CA ALA A 36 7.71 19.97 -13.49
C ALA A 36 7.56 21.38 -12.90
N ARG A 37 6.92 21.46 -11.74
CA ARG A 37 6.69 22.72 -11.02
C ARG A 37 7.77 22.93 -9.96
N ASP A 1 -8.00 -15.60 17.08
CA ASP A 1 -6.86 -16.32 17.67
C ASP A 1 -5.72 -16.43 16.71
N VAL A 2 -4.53 -16.90 17.11
CA VAL A 2 -3.35 -16.79 16.26
C VAL A 2 -3.60 -17.35 14.86
N ALA A 3 -4.46 -18.36 14.69
CA ALA A 3 -4.85 -18.85 13.38
C ALA A 3 -5.62 -17.78 12.58
N SER A 4 -6.75 -17.31 13.12
CA SER A 4 -7.59 -16.26 12.56
C SER A 4 -6.79 -14.96 12.40
N ASP A 5 -6.14 -14.52 13.48
CA ASP A 5 -5.36 -13.32 13.58
C ASP A 5 -4.18 -13.32 12.61
N ALA A 6 -3.43 -14.42 12.49
CA ALA A 6 -2.35 -14.53 11.50
C ALA A 6 -2.92 -14.53 10.07
N LYS A 7 -4.10 -15.11 9.85
CA LYS A 7 -4.74 -15.04 8.54
C LYS A 7 -4.99 -13.58 8.18
N ALA A 8 -5.67 -12.88 9.09
CA ALA A 8 -5.94 -11.45 8.98
C ALA A 8 -4.64 -10.66 8.80
N ALA A 9 -3.55 -11.04 9.48
CA ALA A 9 -2.26 -10.40 9.35
C ALA A 9 -1.67 -10.58 7.96
N ALA A 10 -1.85 -11.75 7.34
CA ALA A 10 -1.43 -12.00 5.97
C ALA A 10 -2.33 -11.25 4.99
N GLU A 11 -3.65 -11.33 5.18
CA GLU A 11 -4.64 -10.68 4.35
C GLU A 11 -4.47 -9.15 4.38
N LEU A 12 -4.11 -8.57 5.52
CA LEU A 12 -3.79 -7.16 5.66
C LEU A 12 -2.65 -6.80 4.73
N VAL A 13 -1.53 -7.52 4.81
CA VAL A 13 -0.39 -7.39 3.93
C VAL A 13 -0.80 -7.65 2.47
N ALA A 14 -1.74 -8.57 2.20
CA ALA A 14 -2.21 -8.86 0.86
C ALA A 14 -2.89 -7.63 0.25
N ALA A 15 -3.83 -7.02 0.99
CA ALA A 15 -4.48 -5.80 0.57
C ALA A 15 -3.45 -4.68 0.43
N ASN A 16 -2.60 -4.56 1.44
CA ASN A 16 -1.57 -3.53 1.54
C ASN A 16 -0.54 -3.62 0.44
N ALA A 17 -0.31 -4.79 -0.17
CA ALA A 17 0.56 -4.92 -1.32
C ALA A 17 0.01 -4.10 -2.49
N LYS A 18 -1.32 -4.11 -2.69
CA LYS A 18 -1.97 -3.28 -3.69
C LYS A 18 -1.97 -1.84 -3.23
N ALA A 19 -2.34 -1.60 -1.97
CA ALA A 19 -2.37 -0.28 -1.38
C ALA A 19 -1.02 0.43 -1.48
N ALA A 20 0.09 -0.31 -1.42
CA ALA A 20 1.44 0.19 -1.63
C ALA A 20 1.61 0.65 -3.06
N ALA A 21 1.20 -0.16 -4.04
CA ALA A 21 1.26 0.20 -5.45
C ALA A 21 0.41 1.43 -5.74
N GLU A 22 -0.78 1.51 -5.14
CA GLU A 22 -1.69 2.64 -5.18
C GLU A 22 -1.00 3.89 -4.61
N LEU A 23 -0.30 3.73 -3.50
CA LEU A 23 0.44 4.81 -2.85
C LEU A 23 1.56 5.30 -3.75
N VAL A 24 2.35 4.39 -4.32
CA VAL A 24 3.40 4.69 -5.31
C VAL A 24 2.80 5.38 -6.54
N ALA A 25 1.61 4.97 -7.00
CA ALA A 25 0.93 5.58 -8.14
C ALA A 25 0.58 7.04 -7.84
N ALA A 26 0.04 7.33 -6.66
CA ALA A 26 -0.22 8.70 -6.24
C ALA A 26 1.09 9.47 -6.06
N ASN A 27 2.10 8.83 -5.46
CA ASN A 27 3.43 9.38 -5.26
C ASN A 27 4.08 9.76 -6.59
N ALA A 28 3.77 9.07 -7.69
CA ALA A 28 4.28 9.44 -9.00
C ALA A 28 3.78 10.82 -9.40
N LYS A 29 2.49 11.08 -9.16
CA LYS A 29 1.88 12.36 -9.43
C LYS A 29 2.51 13.39 -8.51
N ALA A 30 2.54 13.11 -7.20
CA ALA A 30 3.13 13.95 -6.19
C ALA A 30 4.60 14.29 -6.49
N ALA A 31 5.36 13.38 -7.11
CA ALA A 31 6.72 13.61 -7.55
C ALA A 31 6.73 14.61 -8.70
N ALA A 32 5.95 14.38 -9.75
CA ALA A 32 5.84 15.29 -10.88
C ALA A 32 5.36 16.68 -10.46
N GLU A 33 4.49 16.75 -9.46
CA GLU A 33 4.01 17.98 -8.84
C GLU A 33 5.18 18.65 -8.13
N ALA A 34 5.89 17.94 -7.26
CA ALA A 34 7.04 18.49 -6.55
C ALA A 34 8.14 18.98 -7.49
N VAL A 35 8.37 18.27 -8.60
CA VAL A 35 9.27 18.65 -9.68
C VAL A 35 8.85 20.01 -10.23
N ALA A 36 7.62 20.12 -10.72
CA ALA A 36 7.10 21.33 -11.33
C ALA A 36 7.09 22.51 -10.34
N ARG A 37 6.81 22.23 -9.07
CA ARG A 37 6.82 23.22 -7.99
C ARG A 37 8.23 23.71 -7.65
N ASP A 1 -8.32 -15.60 16.82
CA ASP A 1 -7.29 -16.42 17.51
C ASP A 1 -6.14 -16.71 16.59
N VAL A 2 -5.07 -17.35 17.03
CA VAL A 2 -3.87 -17.54 16.21
C VAL A 2 -4.19 -18.10 14.82
N ALA A 3 -5.22 -18.92 14.66
CA ALA A 3 -5.68 -19.39 13.36
C ALA A 3 -6.22 -18.23 12.53
N SER A 4 -7.32 -17.63 12.99
CA SER A 4 -7.96 -16.50 12.33
C SER A 4 -6.96 -15.35 12.19
N ASP A 5 -6.28 -14.96 13.26
CA ASP A 5 -5.25 -13.93 13.29
C ASP A 5 -4.08 -14.25 12.36
N ALA A 6 -3.70 -15.51 12.16
CA ALA A 6 -2.67 -15.85 11.18
C ALA A 6 -3.17 -15.50 9.78
N LYS A 7 -4.40 -15.93 9.46
CA LYS A 7 -5.05 -15.67 8.19
C LYS A 7 -5.13 -14.17 7.96
N ALA A 8 -5.77 -13.47 8.89
CA ALA A 8 -6.00 -12.05 8.86
C ALA A 8 -4.68 -11.28 8.75
N ALA A 9 -3.59 -11.72 9.39
CA ALA A 9 -2.30 -11.09 9.26
C ALA A 9 -1.76 -11.16 7.83
N ALA A 10 -1.95 -12.29 7.12
CA ALA A 10 -1.57 -12.38 5.72
C ALA A 10 -2.45 -11.46 4.87
N GLU A 11 -3.75 -11.43 5.15
CA GLU A 11 -4.72 -10.58 4.48
C GLU A 11 -4.45 -9.09 4.75
N LEU A 12 -3.88 -8.75 5.91
CA LEU A 12 -3.45 -7.40 6.27
C LEU A 12 -2.26 -7.02 5.39
N VAL A 13 -1.28 -7.91 5.25
CA VAL A 13 -0.12 -7.77 4.38
C VAL A 13 -0.53 -7.68 2.90
N ALA A 14 -1.60 -8.38 2.48
CA ALA A 14 -2.15 -8.26 1.13
C ALA A 14 -2.71 -6.86 0.93
N ALA A 15 -3.57 -6.42 1.86
CA ALA A 15 -4.11 -5.06 1.86
C ALA A 15 -2.97 -4.03 1.89
N ASN A 16 -1.88 -4.29 2.62
CA ASN A 16 -0.68 -3.47 2.64
C ASN A 16 0.01 -3.44 1.30
N ALA A 17 0.15 -4.58 0.62
CA ALA A 17 0.77 -4.67 -0.69
C ALA A 17 0.05 -3.76 -1.68
N LYS A 18 -1.29 -3.77 -1.65
CA LYS A 18 -2.08 -2.85 -2.46
C LYS A 18 -1.83 -1.42 -2.02
N ALA A 19 -2.07 -1.14 -0.75
CA ALA A 19 -2.00 0.19 -0.16
C ALA A 19 -0.69 0.90 -0.43
N ALA A 20 0.43 0.16 -0.38
CA ALA A 20 1.75 0.66 -0.70
C ALA A 20 1.82 1.04 -2.17
N ALA A 21 1.48 0.12 -3.08
CA ALA A 21 1.53 0.41 -4.51
C ALA A 21 0.59 1.55 -4.89
N GLU A 22 -0.54 1.69 -4.22
CA GLU A 22 -1.50 2.77 -4.36
C GLU A 22 -0.88 4.09 -3.90
N LEU A 23 -0.21 4.11 -2.74
CA LEU A 23 0.47 5.26 -2.20
C LEU A 23 1.58 5.71 -3.14
N VAL A 24 2.39 4.78 -3.63
CA VAL A 24 3.47 5.02 -4.58
C VAL A 24 2.89 5.54 -5.91
N ALA A 25 1.69 5.11 -6.31
CA ALA A 25 1.00 5.62 -7.48
C ALA A 25 0.56 7.08 -7.29
N ALA A 26 0.10 7.46 -6.09
CA ALA A 26 -0.23 8.85 -5.81
C ALA A 26 1.06 9.68 -5.82
N ASN A 27 2.09 9.18 -5.14
CA ASN A 27 3.43 9.75 -5.13
C ASN A 27 3.93 9.95 -6.55
N ALA A 28 3.66 9.01 -7.47
CA ALA A 28 4.07 9.13 -8.86
C ALA A 28 3.53 10.42 -9.47
N LYS A 29 2.22 10.65 -9.31
CA LYS A 29 1.58 11.83 -9.86
C LYS A 29 2.14 13.07 -9.20
N ALA A 30 2.06 13.12 -7.87
CA ALA A 30 2.43 14.26 -7.08
C ALA A 30 3.88 14.68 -7.33
N ALA A 31 4.79 13.73 -7.49
CA ALA A 31 6.19 13.98 -7.78
C ALA A 31 6.35 14.66 -9.13
N ALA A 32 5.70 14.14 -10.17
CA ALA A 32 5.75 14.70 -11.52
C ALA A 32 5.18 16.12 -11.51
N GLU A 33 4.06 16.33 -10.81
CA GLU A 33 3.40 17.62 -10.62
C GLU A 33 4.33 18.60 -9.90
N ALA A 34 5.04 18.15 -8.86
CA ALA A 34 6.00 18.96 -8.13
C ALA A 34 7.15 19.40 -9.03
N VAL A 35 7.68 18.50 -9.87
CA VAL A 35 8.74 18.84 -10.81
C VAL A 35 8.24 19.83 -11.85
N ALA A 36 7.01 19.65 -12.37
CA ALA A 36 6.40 20.59 -13.30
C ALA A 36 6.34 21.98 -12.66
N ARG A 37 5.87 22.07 -11.41
CA ARG A 37 5.86 23.30 -10.64
C ARG A 37 7.27 23.74 -10.17
N ASP A 1 -7.31 -16.52 16.74
CA ASP A 1 -6.10 -16.94 17.49
C ASP A 1 -4.88 -16.90 16.63
N VAL A 2 -3.66 -17.11 17.14
CA VAL A 2 -2.45 -16.99 16.30
C VAL A 2 -2.57 -17.71 14.96
N ALA A 3 -3.26 -18.83 14.88
CA ALA A 3 -3.53 -19.49 13.61
C ALA A 3 -4.35 -18.58 12.68
N SER A 4 -5.59 -18.29 13.06
CA SER A 4 -6.48 -17.45 12.23
C SER A 4 -5.99 -16.01 12.15
N ASP A 5 -5.47 -15.43 13.22
CA ASP A 5 -4.85 -14.11 13.27
C ASP A 5 -3.68 -14.02 12.31
N ALA A 6 -2.87 -15.09 12.14
CA ALA A 6 -1.80 -15.08 11.15
C ALA A 6 -2.39 -14.99 9.74
N LYS A 7 -3.51 -15.66 9.47
CA LYS A 7 -4.19 -15.52 8.18
C LYS A 7 -4.63 -14.07 8.03
N ALA A 8 -5.39 -13.58 9.00
CA ALA A 8 -5.95 -12.23 9.00
C ALA A 8 -4.87 -11.17 8.80
N ALA A 9 -3.68 -11.37 9.36
CA ALA A 9 -2.53 -10.52 9.18
C ALA A 9 -2.04 -10.56 7.74
N ALA A 10 -1.83 -11.73 7.15
CA ALA A 10 -1.40 -11.85 5.75
C ALA A 10 -2.44 -11.25 4.80
N GLU A 11 -3.72 -11.45 5.09
CA GLU A 11 -4.84 -10.87 4.39
C GLU A 11 -4.77 -9.34 4.45
N LEU A 12 -4.45 -8.79 5.62
CA LEU A 12 -4.32 -7.36 5.82
C LEU A 12 -3.09 -6.86 5.07
N VAL A 13 -1.96 -7.54 5.13
CA VAL A 13 -0.76 -7.21 4.36
C VAL A 13 -1.07 -7.20 2.86
N ALA A 14 -1.96 -8.05 2.35
CA ALA A 14 -2.39 -8.01 0.96
C ALA A 14 -3.19 -6.73 0.67
N ALA A 15 -4.12 -6.35 1.55
CA ALA A 15 -4.85 -5.10 1.44
C ALA A 15 -3.91 -3.91 1.49
N ASN A 16 -2.92 -3.96 2.39
CA ASN A 16 -1.88 -2.96 2.56
C ASN A 16 -0.98 -2.89 1.33
N ALA A 17 -0.70 -4.01 0.66
CA ALA A 17 0.05 -4.02 -0.58
C ALA A 17 -0.68 -3.20 -1.65
N LYS A 18 -2.01 -3.33 -1.74
CA LYS A 18 -2.81 -2.54 -2.68
C LYS A 18 -2.68 -1.06 -2.33
N ALA A 19 -2.97 -0.72 -1.08
CA ALA A 19 -2.89 0.64 -0.58
C ALA A 19 -1.50 1.25 -0.81
N ALA A 20 -0.43 0.47 -0.60
CA ALA A 20 0.94 0.90 -0.85
C ALA A 20 1.17 1.14 -2.34
N ALA A 21 0.66 0.28 -3.21
CA ALA A 21 0.76 0.45 -4.66
C ALA A 21 0.04 1.72 -5.10
N GLU A 22 -1.16 1.95 -4.56
CA GLU A 22 -1.96 3.14 -4.75
C GLU A 22 -1.24 4.38 -4.22
N LEU A 23 -0.54 4.27 -3.09
CA LEU A 23 0.27 5.33 -2.53
C LEU A 23 1.38 5.68 -3.52
N VAL A 24 2.15 4.69 -3.96
CA VAL A 24 3.24 4.87 -4.92
C VAL A 24 2.70 5.43 -6.25
N ALA A 25 1.50 5.04 -6.68
CA ALA A 25 0.87 5.57 -7.89
C ALA A 25 0.61 7.07 -7.75
N ALA A 26 -0.07 7.50 -6.68
CA ALA A 26 -0.30 8.91 -6.44
C ALA A 26 1.02 9.66 -6.25
N ASN A 27 1.98 9.03 -5.56
CA ASN A 27 3.33 9.55 -5.38
C ASN A 27 4.11 9.63 -6.70
N ALA A 28 3.74 8.87 -7.73
CA ALA A 28 4.34 8.98 -9.05
C ALA A 28 3.99 10.35 -9.60
N LYS A 29 2.71 10.69 -9.55
CA LYS A 29 2.17 11.99 -9.94
C LYS A 29 2.83 13.07 -9.08
N ALA A 30 2.75 12.93 -7.76
CA ALA A 30 3.24 13.90 -6.80
C ALA A 30 4.71 14.22 -7.01
N ALA A 31 5.57 13.24 -7.27
CA ALA A 31 6.99 13.50 -7.49
C ALA A 31 7.22 14.23 -8.81
N ALA A 32 6.50 13.87 -9.89
CA ALA A 32 6.56 14.57 -11.14
C ALA A 32 6.13 16.04 -10.96
N GLU A 33 5.06 16.25 -10.20
CA GLU A 33 4.55 17.55 -9.80
C GLU A 33 5.62 18.28 -8.99
N ALA A 34 6.22 17.65 -7.99
CA ALA A 34 7.26 18.24 -7.15
C ALA A 34 8.46 18.71 -7.99
N VAL A 35 8.82 17.96 -9.04
CA VAL A 35 9.85 18.37 -9.98
C VAL A 35 9.38 19.61 -10.76
N ALA A 36 8.14 19.63 -11.23
CA ALA A 36 7.56 20.81 -11.90
C ALA A 36 7.48 22.01 -10.96
N ARG A 37 7.34 21.79 -9.64
CA ARG A 37 7.37 22.84 -8.62
C ARG A 37 8.81 23.22 -8.25
N ASP A 1 -7.77 -16.19 16.80
CA ASP A 1 -6.60 -16.72 17.54
C ASP A 1 -5.37 -16.67 16.68
N VAL A 2 -4.16 -17.03 17.13
CA VAL A 2 -2.98 -16.80 16.31
C VAL A 2 -3.10 -17.43 14.90
N ALA A 3 -3.87 -18.51 14.73
CA ALA A 3 -4.14 -19.07 13.42
C ALA A 3 -4.97 -18.09 12.58
N SER A 4 -6.18 -17.76 13.05
CA SER A 4 -7.06 -16.81 12.37
C SER A 4 -6.38 -15.44 12.28
N ASP A 5 -5.89 -14.91 13.40
CA ASP A 5 -5.24 -13.63 13.49
C ASP A 5 -4.01 -13.51 12.59
N ALA A 6 -3.23 -14.58 12.38
CA ALA A 6 -2.13 -14.57 11.42
C ALA A 6 -2.63 -14.67 9.98
N LYS A 7 -3.72 -15.41 9.72
CA LYS A 7 -4.33 -15.44 8.38
C LYS A 7 -4.74 -14.02 8.04
N ALA A 8 -5.50 -13.42 8.94
CA ALA A 8 -5.92 -12.04 8.90
C ALA A 8 -4.72 -11.10 8.77
N ALA A 9 -3.58 -11.39 9.42
CA ALA A 9 -2.36 -10.62 9.25
C ALA A 9 -1.84 -10.72 7.81
N ALA A 10 -1.90 -11.88 7.17
CA ALA A 10 -1.52 -12.00 5.75
C ALA A 10 -2.54 -11.27 4.89
N GLU A 11 -3.82 -11.26 5.25
CA GLU A 11 -4.85 -10.49 4.59
C GLU A 11 -4.60 -8.99 4.76
N LEU A 12 -4.02 -8.56 5.88
CA LEU A 12 -3.60 -7.19 6.13
C LEU A 12 -2.47 -6.85 5.16
N VAL A 13 -1.46 -7.72 5.06
CA VAL A 13 -0.36 -7.62 4.11
C VAL A 13 -0.85 -7.63 2.66
N ALA A 14 -1.96 -8.30 2.34
CA ALA A 14 -2.59 -8.27 1.03
C ALA A 14 -3.22 -6.90 0.77
N ALA A 15 -4.01 -6.41 1.73
CA ALA A 15 -4.60 -5.08 1.68
C ALA A 15 -3.51 -4.03 1.50
N ASN A 16 -2.38 -4.22 2.19
CA ASN A 16 -1.17 -3.41 2.06
C ASN A 16 -0.47 -3.60 0.73
N ALA A 17 -0.42 -4.81 0.16
CA ALA A 17 0.17 -5.02 -1.16
C ALA A 17 -0.53 -4.16 -2.19
N LYS A 18 -1.87 -4.12 -2.15
CA LYS A 18 -2.69 -3.26 -2.99
C LYS A 18 -2.44 -1.81 -2.64
N ALA A 19 -2.83 -1.40 -1.43
CA ALA A 19 -2.81 -0.03 -0.97
C ALA A 19 -1.47 0.65 -1.11
N ALA A 20 -0.37 -0.03 -0.78
CA ALA A 20 0.96 0.55 -0.86
C ALA A 20 1.38 0.72 -2.32
N ALA A 21 1.04 -0.22 -3.21
CA ALA A 21 1.35 -0.09 -4.62
C ALA A 21 0.54 1.04 -5.26
N GLU A 22 -0.72 1.18 -4.85
CA GLU A 22 -1.62 2.25 -5.22
C GLU A 22 -1.05 3.59 -4.77
N LEU A 23 -0.53 3.65 -3.54
CA LEU A 23 0.07 4.84 -2.97
C LEU A 23 1.35 5.20 -3.72
N VAL A 24 2.25 4.24 -3.99
CA VAL A 24 3.44 4.43 -4.81
C VAL A 24 3.08 4.91 -6.22
N ALA A 25 1.97 4.45 -6.79
CA ALA A 25 1.52 4.91 -8.10
C ALA A 25 1.18 6.40 -8.05
N ALA A 26 0.35 6.80 -7.09
CA ALA A 26 -0.02 8.20 -6.86
C ALA A 26 1.21 9.05 -6.50
N ASN A 27 2.14 8.49 -5.73
CA ASN A 27 3.42 9.10 -5.37
C ASN A 27 4.22 9.45 -6.61
N ALA A 28 4.13 8.67 -7.69
CA ALA A 28 4.78 9.02 -8.94
C ALA A 28 4.24 10.35 -9.46
N LYS A 29 2.91 10.51 -9.46
CA LYS A 29 2.28 11.75 -9.89
C LYS A 29 2.75 12.89 -9.02
N ALA A 30 2.55 12.78 -7.71
CA ALA A 30 2.91 13.78 -6.74
C ALA A 30 4.38 14.17 -6.85
N ALA A 31 5.28 13.21 -7.10
CA ALA A 31 6.70 13.48 -7.31
C ALA A 31 6.91 14.31 -8.57
N ALA A 32 6.30 13.91 -9.69
CA ALA A 32 6.39 14.64 -10.94
C ALA A 32 5.90 16.07 -10.77
N GLU A 33 4.77 16.24 -10.09
CA GLU A 33 4.19 17.50 -9.71
C GLU A 33 5.17 18.30 -8.85
N ALA A 34 5.80 17.68 -7.84
CA ALA A 34 6.77 18.35 -6.97
C ALA A 34 7.97 18.88 -7.75
N VAL A 35 8.38 18.26 -8.87
CA VAL A 35 9.43 18.81 -9.71
C VAL A 35 8.90 20.10 -10.35
N ALA A 36 7.74 20.02 -11.01
CA ALA A 36 7.12 21.14 -11.72
C ALA A 36 6.78 22.30 -10.78
N ARG A 37 6.48 22.03 -9.50
CA ARG A 37 6.26 23.05 -8.48
C ARG A 37 7.54 23.85 -8.16
N ASP A 1 -7.90 -16.21 16.92
CA ASP A 1 -6.94 -17.22 17.38
C ASP A 1 -5.83 -17.40 16.38
N VAL A 2 -4.79 -18.19 16.62
CA VAL A 2 -3.62 -18.18 15.75
C VAL A 2 -4.00 -18.41 14.29
N ALA A 3 -5.02 -19.21 13.99
CA ALA A 3 -5.50 -19.37 12.64
C ALA A 3 -6.12 -18.06 12.12
N SER A 4 -7.13 -17.55 12.81
CA SER A 4 -7.79 -16.30 12.41
C SER A 4 -6.78 -15.14 12.41
N ASP A 5 -6.06 -14.95 13.51
CA ASP A 5 -5.01 -13.96 13.69
C ASP A 5 -3.94 -14.07 12.61
N ALA A 6 -3.57 -15.29 12.19
CA ALA A 6 -2.59 -15.49 11.12
C ALA A 6 -3.18 -14.99 9.82
N LYS A 7 -4.42 -15.41 9.52
CA LYS A 7 -5.11 -15.06 8.29
C LYS A 7 -5.20 -13.54 8.19
N ALA A 8 -5.80 -12.93 9.20
CA ALA A 8 -6.04 -11.50 9.28
C ALA A 8 -4.74 -10.71 9.12
N ALA A 9 -3.67 -11.13 9.79
CA ALA A 9 -2.38 -10.50 9.66
C ALA A 9 -1.83 -10.61 8.24
N ALA A 10 -1.95 -11.77 7.60
CA ALA A 10 -1.49 -11.96 6.23
C ALA A 10 -2.34 -11.14 5.26
N GLU A 11 -3.66 -11.12 5.46
CA GLU A 11 -4.64 -10.38 4.69
C GLU A 11 -4.35 -8.88 4.75
N LEU A 12 -4.04 -8.35 5.93
CA LEU A 12 -3.64 -6.96 6.10
C LEU A 12 -2.44 -6.65 5.22
N VAL A 13 -1.41 -7.49 5.28
CA VAL A 13 -0.19 -7.34 4.50
C VAL A 13 -0.44 -7.59 3.00
N ALA A 14 -1.41 -8.44 2.64
CA ALA A 14 -1.82 -8.68 1.27
C ALA A 14 -2.48 -7.41 0.70
N ALA A 15 -3.37 -6.78 1.49
CA ALA A 15 -3.98 -5.51 1.14
C ALA A 15 -2.91 -4.43 1.05
N ASN A 16 -1.98 -4.40 2.01
CA ASN A 16 -0.86 -3.45 2.07
C ASN A 16 -0.05 -3.47 0.78
N ALA A 17 0.17 -4.65 0.17
CA ALA A 17 0.90 -4.74 -1.09
C ALA A 17 0.29 -3.81 -2.14
N LYS A 18 -1.05 -3.83 -2.24
CA LYS A 18 -1.78 -3.02 -3.20
C LYS A 18 -1.82 -1.57 -2.71
N ALA A 19 -2.25 -1.37 -1.47
CA ALA A 19 -2.46 -0.07 -0.86
C ALA A 19 -1.19 0.79 -0.89
N ALA A 20 -0.04 0.21 -0.56
CA ALA A 20 1.24 0.91 -0.63
C ALA A 20 1.57 1.23 -2.09
N ALA A 21 1.33 0.30 -3.03
CA ALA A 21 1.53 0.57 -4.45
C ALA A 21 0.60 1.70 -4.95
N GLU A 22 -0.62 1.77 -4.44
CA GLU A 22 -1.60 2.80 -4.70
C GLU A 22 -1.10 4.15 -4.17
N LEU A 23 -0.46 4.15 -3.00
CA LEU A 23 0.19 5.32 -2.42
C LEU A 23 1.36 5.76 -3.30
N VAL A 24 2.21 4.83 -3.73
CA VAL A 24 3.32 5.03 -4.65
C VAL A 24 2.83 5.59 -6.00
N ALA A 25 1.64 5.20 -6.48
CA ALA A 25 1.05 5.76 -7.68
C ALA A 25 0.70 7.24 -7.49
N ALA A 26 0.08 7.59 -6.36
CA ALA A 26 -0.20 8.98 -6.00
C ALA A 26 1.11 9.77 -5.81
N ASN A 27 2.12 9.16 -5.18
CA ASN A 27 3.47 9.71 -5.04
C ASN A 27 4.05 10.02 -6.40
N ALA A 28 3.87 9.14 -7.40
CA ALA A 28 4.40 9.36 -8.73
C ALA A 28 3.81 10.62 -9.33
N LYS A 29 2.51 10.86 -9.11
CA LYS A 29 1.84 12.08 -9.53
C LYS A 29 2.47 13.23 -8.77
N ALA A 30 2.39 13.25 -7.44
CA ALA A 30 2.85 14.33 -6.60
C ALA A 30 4.32 14.71 -6.87
N ALA A 31 5.17 13.73 -7.19
CA ALA A 31 6.56 13.96 -7.59
C ALA A 31 6.61 14.67 -8.93
N ALA A 32 5.93 14.14 -9.95
CA ALA A 32 5.89 14.72 -11.28
C ALA A 32 5.36 16.16 -11.21
N GLU A 33 4.31 16.38 -10.43
CA GLU A 33 3.70 17.66 -10.15
C GLU A 33 4.66 18.58 -9.41
N ALA A 34 5.44 18.07 -8.45
CA ALA A 34 6.43 18.85 -7.72
C ALA A 34 7.61 19.21 -8.62
N VAL A 35 7.94 18.41 -9.63
CA VAL A 35 8.96 18.71 -10.63
C VAL A 35 8.41 19.82 -11.52
N ALA A 36 7.18 19.65 -12.02
CA ALA A 36 6.49 20.57 -12.91
C ALA A 36 6.44 21.97 -12.28
N ARG A 37 5.97 22.08 -11.04
CA ARG A 37 5.99 23.31 -10.25
C ARG A 37 7.21 23.38 -9.33
N ASP A 1 -8.41 -15.73 16.79
CA ASP A 1 -7.30 -16.39 17.51
C ASP A 1 -6.08 -16.51 16.66
N VAL A 2 -4.92 -16.94 17.17
CA VAL A 2 -3.69 -16.92 16.38
C VAL A 2 -3.87 -17.60 15.02
N ALA A 3 -4.77 -18.58 14.89
CA ALA A 3 -5.09 -19.16 13.61
C ALA A 3 -5.75 -18.12 12.69
N SER A 4 -6.88 -17.54 13.11
CA SER A 4 -7.54 -16.50 12.33
C SER A 4 -6.63 -15.29 12.20
N ASP A 5 -6.10 -14.80 13.32
CA ASP A 5 -5.29 -13.61 13.44
C ASP A 5 -4.05 -13.68 12.55
N ALA A 6 -3.45 -14.85 12.33
CA ALA A 6 -2.33 -15.00 11.38
C ALA A 6 -2.83 -14.89 9.94
N LYS A 7 -3.99 -15.47 9.63
CA LYS A 7 -4.59 -15.38 8.30
C LYS A 7 -4.95 -13.92 8.03
N ALA A 8 -5.63 -13.29 8.97
CA ALA A 8 -5.97 -11.88 8.99
C ALA A 8 -4.71 -11.03 8.84
N ALA A 9 -3.61 -11.35 9.52
CA ALA A 9 -2.34 -10.67 9.39
C ALA A 9 -1.77 -10.77 7.97
N ALA A 10 -1.91 -11.93 7.31
CA ALA A 10 -1.52 -12.07 5.92
C ALA A 10 -2.43 -11.23 5.03
N GLU A 11 -3.75 -11.31 5.24
CA GLU A 11 -4.76 -10.55 4.51
C GLU A 11 -4.55 -9.04 4.67
N LEU A 12 -4.05 -8.60 5.83
CA LEU A 12 -3.66 -7.23 6.13
C LEU A 12 -2.49 -6.85 5.24
N VAL A 13 -1.39 -7.60 5.31
CA VAL A 13 -0.18 -7.37 4.53
C VAL A 13 -0.46 -7.46 3.02
N ALA A 14 -1.42 -8.28 2.60
CA ALA A 14 -1.87 -8.45 1.23
C ALA A 14 -2.68 -7.24 0.77
N ALA A 15 -3.66 -6.80 1.56
CA ALA A 15 -4.42 -5.60 1.27
C ALA A 15 -3.50 -4.38 1.27
N ASN A 16 -2.50 -4.38 2.16
CA ASN A 16 -1.45 -3.38 2.25
C ASN A 16 -0.54 -3.45 1.03
N ALA A 17 -0.25 -4.63 0.48
CA ALA A 17 0.53 -4.77 -0.76
C ALA A 17 -0.18 -4.07 -1.92
N LYS A 18 -1.50 -4.20 -2.00
CA LYS A 18 -2.30 -3.49 -2.99
C LYS A 18 -2.22 -1.99 -2.73
N ALA A 19 -2.62 -1.59 -1.53
CA ALA A 19 -2.67 -0.20 -1.10
C ALA A 19 -1.32 0.51 -1.27
N ALA A 20 -0.21 -0.20 -1.08
CA ALA A 20 1.14 0.29 -1.31
C ALA A 20 1.32 0.66 -2.77
N ALA A 21 0.99 -0.25 -3.70
CA ALA A 21 1.10 -0.02 -5.13
C ALA A 21 0.19 1.12 -5.60
N GLU A 22 -1.00 1.21 -5.01
CA GLU A 22 -1.94 2.28 -5.22
C GLU A 22 -1.32 3.62 -4.81
N LEU A 23 -0.66 3.66 -3.64
CA LEU A 23 0.02 4.83 -3.13
C LEU A 23 1.20 5.21 -4.00
N VAL A 24 2.01 4.24 -4.44
CA VAL A 24 3.12 4.44 -5.37
C VAL A 24 2.59 5.05 -6.69
N ALA A 25 1.44 4.62 -7.21
CA ALA A 25 0.87 5.26 -8.39
C ALA A 25 0.57 6.74 -8.12
N ALA A 26 -0.06 7.07 -6.98
CA ALA A 26 -0.29 8.47 -6.61
C ALA A 26 1.03 9.22 -6.42
N ASN A 27 2.06 8.56 -5.91
CA ASN A 27 3.41 9.09 -5.72
C ASN A 27 4.11 9.34 -7.05
N ALA A 28 3.71 8.66 -8.12
CA ALA A 28 4.24 8.95 -9.45
C ALA A 28 3.79 10.34 -9.86
N LYS A 29 2.51 10.67 -9.65
CA LYS A 29 2.00 12.00 -9.91
C LYS A 29 2.71 12.99 -8.98
N ALA A 30 2.71 12.69 -7.68
CA ALA A 30 3.26 13.55 -6.64
C ALA A 30 4.70 13.97 -6.95
N ALA A 31 5.54 13.06 -7.44
CA ALA A 31 6.90 13.39 -7.83
C ALA A 31 6.92 14.36 -9.00
N ALA A 32 6.15 14.11 -10.06
CA ALA A 32 6.06 15.01 -11.19
C ALA A 32 5.58 16.39 -10.77
N GLU A 33 4.56 16.44 -9.91
CA GLU A 33 4.00 17.62 -9.32
C GLU A 33 5.06 18.37 -8.51
N ALA A 34 5.84 17.67 -7.69
CA ALA A 34 6.92 18.25 -6.91
C ALA A 34 8.00 18.82 -7.82
N VAL A 35 8.45 18.05 -8.81
CA VAL A 35 9.47 18.45 -9.76
C VAL A 35 9.00 19.72 -10.48
N ALA A 36 7.73 19.79 -10.89
CA ALA A 36 7.16 20.95 -11.58
C ALA A 36 7.25 22.22 -10.71
N ARG A 37 6.99 22.13 -9.41
CA ARG A 37 7.16 23.29 -8.52
C ARG A 37 8.62 23.55 -8.15
N ASP A 1 -7.73 -15.41 17.21
CA ASP A 1 -6.51 -15.76 17.96
C ASP A 1 -5.35 -15.87 17.03
N VAL A 2 -4.11 -16.10 17.48
CA VAL A 2 -2.96 -15.99 16.59
C VAL A 2 -3.13 -16.86 15.34
N ALA A 3 -3.81 -18.00 15.42
CA ALA A 3 -4.11 -18.79 14.25
C ALA A 3 -4.99 -18.04 13.24
N SER A 4 -6.10 -17.43 13.68
CA SER A 4 -6.90 -16.59 12.78
C SER A 4 -6.20 -15.26 12.48
N ASP A 5 -5.72 -14.55 13.50
CA ASP A 5 -5.14 -13.22 13.41
C ASP A 5 -3.87 -13.21 12.55
N ALA A 6 -3.05 -14.26 12.58
CA ALA A 6 -1.89 -14.37 11.69
C ALA A 6 -2.34 -14.50 10.23
N LYS A 7 -3.42 -15.25 9.97
CA LYS A 7 -4.02 -15.40 8.65
C LYS A 7 -4.50 -14.03 8.18
N ALA A 8 -5.35 -13.39 8.99
CA ALA A 8 -5.93 -12.10 8.72
C ALA A 8 -4.85 -11.03 8.56
N ALA A 9 -3.74 -11.11 9.29
CA ALA A 9 -2.61 -10.22 9.15
C ALA A 9 -1.98 -10.40 7.77
N ALA A 10 -1.70 -11.64 7.36
CA ALA A 10 -1.13 -11.94 6.06
C ALA A 10 -2.05 -11.48 4.93
N GLU A 11 -3.36 -11.72 5.08
CA GLU A 11 -4.39 -11.32 4.15
C GLU A 11 -4.51 -9.80 4.09
N LEU A 12 -4.41 -9.11 5.23
CA LEU A 12 -4.37 -7.66 5.28
C LEU A 12 -3.13 -7.15 4.56
N VAL A 13 -1.96 -7.74 4.81
CA VAL A 13 -0.72 -7.41 4.13
C VAL A 13 -0.86 -7.63 2.61
N ALA A 14 -1.50 -8.71 2.17
CA ALA A 14 -1.77 -8.95 0.76
C ALA A 14 -2.62 -7.81 0.20
N ALA A 15 -3.72 -7.46 0.86
CA ALA A 15 -4.57 -6.34 0.46
C ALA A 15 -3.78 -5.03 0.43
N ASN A 16 -2.98 -4.79 1.47
CA ASN A 16 -2.12 -3.62 1.67
C ASN A 16 -1.03 -3.54 0.62
N ALA A 17 -0.54 -4.65 0.08
CA ALA A 17 0.45 -4.64 -1.00
C ALA A 17 -0.10 -3.91 -2.24
N LYS A 18 -1.40 -4.02 -2.48
CA LYS A 18 -2.10 -3.29 -3.54
C LYS A 18 -2.12 -1.81 -3.19
N ALA A 19 -2.61 -1.48 -1.99
CA ALA A 19 -2.66 -0.12 -1.48
C ALA A 19 -1.28 0.56 -1.52
N ALA A 20 -0.21 -0.18 -1.25
CA ALA A 20 1.17 0.29 -1.32
C ALA A 20 1.55 0.61 -2.77
N ALA A 21 1.20 -0.27 -3.72
CA ALA A 21 1.45 -0.02 -5.14
C ALA A 21 0.65 1.17 -5.65
N GLU A 22 -0.57 1.34 -5.16
CA GLU A 22 -1.43 2.47 -5.43
C GLU A 22 -0.74 3.73 -4.91
N LEU A 23 -0.16 3.69 -3.71
CA LEU A 23 0.62 4.77 -3.15
C LEU A 23 1.86 5.08 -4.00
N VAL A 24 2.57 4.09 -4.53
CA VAL A 24 3.70 4.31 -5.45
C VAL A 24 3.23 5.07 -6.71
N ALA A 25 2.03 4.79 -7.22
CA ALA A 25 1.47 5.54 -8.33
C ALA A 25 1.14 6.97 -7.92
N ALA A 26 0.49 7.15 -6.77
CA ALA A 26 0.20 8.47 -6.23
C ALA A 26 1.48 9.27 -5.99
N ASN A 27 2.52 8.59 -5.53
CA ASN A 27 3.88 9.09 -5.34
C ASN A 27 4.49 9.52 -6.66
N ALA A 28 4.22 8.84 -7.78
CA ALA A 28 4.72 9.23 -9.09
C ALA A 28 4.06 10.56 -9.52
N LYS A 29 2.75 10.69 -9.35
CA LYS A 29 2.05 11.94 -9.61
C LYS A 29 2.66 13.05 -8.75
N ALA A 30 2.67 12.80 -7.45
CA ALA A 30 3.19 13.69 -6.45
C ALA A 30 4.67 14.03 -6.69
N ALA A 31 5.47 13.16 -7.31
CA ALA A 31 6.86 13.41 -7.68
C ALA A 31 6.93 14.37 -8.87
N ALA A 32 6.07 14.19 -9.88
CA ALA A 32 5.98 15.12 -10.99
C ALA A 32 5.60 16.51 -10.46
N GLU A 33 4.62 16.57 -9.56
CA GLU A 33 4.20 17.76 -8.86
C GLU A 33 5.37 18.33 -8.03
N ALA A 34 6.16 17.48 -7.36
CA ALA A 34 7.33 17.89 -6.59
C ALA A 34 8.41 18.51 -7.49
N VAL A 35 8.59 17.99 -8.70
CA VAL A 35 9.51 18.51 -9.71
C VAL A 35 9.06 19.90 -10.15
N ALA A 36 7.77 20.09 -10.44
CA ALA A 36 7.20 21.40 -10.75
C ALA A 36 7.41 22.36 -9.57
N ARG A 37 7.19 21.87 -8.34
CA ARG A 37 7.46 22.58 -7.09
C ARG A 37 8.96 22.72 -6.79
N ASP A 1 -8.22 -17.68 16.11
CA ASP A 1 -7.12 -18.34 16.82
C ASP A 1 -5.85 -18.25 16.02
N VAL A 2 -4.68 -18.69 16.51
CA VAL A 2 -3.41 -18.39 15.83
C VAL A 2 -3.46 -18.72 14.34
N ALA A 3 -4.14 -19.79 13.95
CA ALA A 3 -4.35 -20.13 12.55
C ALA A 3 -5.17 -19.03 11.83
N SER A 4 -6.38 -18.75 12.28
CA SER A 4 -7.22 -17.71 11.66
C SER A 4 -6.62 -16.30 11.83
N ASP A 5 -6.12 -15.96 13.01
CA ASP A 5 -5.41 -14.72 13.33
C ASP A 5 -4.17 -14.56 12.45
N ALA A 6 -3.49 -15.66 12.09
CA ALA A 6 -2.37 -15.62 11.16
C ALA A 6 -2.87 -15.20 9.79
N LYS A 7 -4.00 -15.77 9.35
CA LYS A 7 -4.56 -15.45 8.03
C LYS A 7 -4.92 -13.99 8.02
N ALA A 8 -5.67 -13.52 9.01
CA ALA A 8 -6.09 -12.12 9.12
C ALA A 8 -4.88 -11.18 9.05
N ALA A 9 -3.77 -11.52 9.75
CA ALA A 9 -2.55 -10.76 9.65
C ALA A 9 -2.01 -10.72 8.22
N ALA A 10 -2.10 -11.81 7.47
CA ALA A 10 -1.68 -11.88 6.08
C ALA A 10 -2.65 -11.15 5.15
N GLU A 11 -3.96 -11.20 5.40
CA GLU A 11 -5.01 -10.48 4.71
C GLU A 11 -4.83 -8.96 4.90
N LEU A 12 -4.40 -8.54 6.09
CA LEU A 12 -4.05 -7.18 6.41
C LEU A 12 -2.88 -6.75 5.54
N VAL A 13 -1.77 -7.48 5.57
CA VAL A 13 -0.60 -7.18 4.75
C VAL A 13 -0.93 -7.23 3.26
N ALA A 14 -1.85 -8.10 2.81
CA ALA A 14 -2.31 -8.15 1.42
C ALA A 14 -2.98 -6.84 1.01
N ALA A 15 -3.93 -6.36 1.81
CA ALA A 15 -4.58 -5.08 1.57
C ALA A 15 -3.54 -3.96 1.58
N ASN A 16 -2.67 -4.00 2.58
CA ASN A 16 -1.65 -2.99 2.83
C ASN A 16 -0.61 -2.94 1.72
N ALA A 17 -0.31 -4.07 1.07
CA ALA A 17 0.57 -4.12 -0.08
C ALA A 17 -0.06 -3.30 -1.21
N LYS A 18 -1.37 -3.45 -1.42
CA LYS A 18 -2.09 -2.64 -2.39
C LYS A 18 -1.99 -1.19 -1.98
N ALA A 19 -2.43 -0.87 -0.76
CA ALA A 19 -2.53 0.47 -0.21
C ALA A 19 -1.23 1.24 -0.31
N ALA A 20 -0.11 0.62 0.06
CA ALA A 20 1.22 1.22 -0.05
C ALA A 20 1.52 1.53 -1.51
N ALA A 21 1.30 0.58 -2.42
CA ALA A 21 1.53 0.80 -3.84
C ALA A 21 0.54 1.81 -4.45
N GLU A 22 -0.65 1.98 -3.88
CA GLU A 22 -1.65 2.95 -4.25
C GLU A 22 -1.17 4.36 -3.88
N LEU A 23 -0.55 4.47 -2.71
CA LEU A 23 0.08 5.67 -2.20
C LEU A 23 1.26 6.03 -3.08
N VAL A 24 2.18 5.10 -3.31
CA VAL A 24 3.33 5.24 -4.21
C VAL A 24 2.88 5.56 -5.65
N ALA A 25 1.73 5.04 -6.12
CA ALA A 25 1.19 5.36 -7.43
C ALA A 25 0.74 6.82 -7.52
N ALA A 26 0.02 7.32 -6.52
CA ALA A 26 -0.34 8.74 -6.49
C ALA A 26 0.93 9.58 -6.33
N ASN A 27 1.90 9.10 -5.56
CA ASN A 27 3.20 9.73 -5.42
C ASN A 27 3.96 9.73 -6.74
N ALA A 28 3.68 8.78 -7.66
CA ALA A 28 4.31 8.75 -8.96
C ALA A 28 3.89 10.00 -9.74
N LYS A 29 2.61 10.34 -9.68
CA LYS A 29 2.04 11.55 -10.24
C LYS A 29 2.73 12.73 -9.58
N ALA A 30 2.69 12.76 -8.25
CA ALA A 30 3.26 13.81 -7.43
C ALA A 30 4.71 14.11 -7.82
N ALA A 31 5.53 13.08 -8.01
CA ALA A 31 6.94 13.21 -8.33
C ALA A 31 7.17 13.87 -9.68
N ALA A 32 6.31 13.63 -10.68
CA ALA A 32 6.38 14.31 -11.95
C ALA A 32 5.90 15.74 -11.80
N GLU A 33 4.75 15.92 -11.16
CA GLU A 33 4.11 17.20 -10.90
C GLU A 33 5.05 18.15 -10.14
N ALA A 34 5.80 17.64 -9.18
CA ALA A 34 6.78 18.38 -8.40
C ALA A 34 7.88 18.93 -9.32
N VAL A 35 8.37 18.13 -10.27
CA VAL A 35 9.40 18.58 -11.19
C VAL A 35 8.85 19.72 -12.04
N ALA A 36 7.62 19.58 -12.56
CA ALA A 36 6.97 20.59 -13.39
C ALA A 36 6.83 21.92 -12.62
N ARG A 37 6.31 21.89 -11.39
CA ARG A 37 6.25 23.08 -10.54
C ARG A 37 7.62 23.51 -9.98
N ASP A 1 -7.96 -15.08 17.01
CA ASP A 1 -6.90 -15.80 17.74
C ASP A 1 -5.66 -15.96 16.91
N VAL A 2 -4.51 -16.37 17.44
CA VAL A 2 -3.26 -16.32 16.68
C VAL A 2 -3.39 -16.90 15.28
N ALA A 3 -4.16 -17.97 15.09
CA ALA A 3 -4.48 -18.52 13.79
C ALA A 3 -5.30 -17.58 12.91
N SER A 4 -6.49 -17.19 13.36
CA SER A 4 -7.35 -16.25 12.64
C SER A 4 -6.62 -14.93 12.43
N ASP A 5 -6.05 -14.35 13.50
CA ASP A 5 -5.21 -13.17 13.46
C ASP A 5 -4.10 -13.33 12.43
N ALA A 6 -3.41 -14.48 12.38
CA ALA A 6 -2.31 -14.71 11.46
C ALA A 6 -2.80 -14.71 10.02
N LYS A 7 -4.01 -15.22 9.76
CA LYS A 7 -4.67 -15.18 8.47
C LYS A 7 -4.89 -13.72 8.11
N ALA A 8 -5.67 -13.01 8.94
CA ALA A 8 -6.02 -11.62 8.73
C ALA A 8 -4.79 -10.73 8.56
N ALA A 9 -3.70 -11.01 9.30
CA ALA A 9 -2.43 -10.33 9.21
C ALA A 9 -1.80 -10.47 7.81
N ALA A 10 -1.81 -11.69 7.27
CA ALA A 10 -1.29 -11.97 5.94
C ALA A 10 -2.19 -11.33 4.88
N GLU A 11 -3.50 -11.39 5.06
CA GLU A 11 -4.50 -10.76 4.20
C GLU A 11 -4.33 -9.24 4.17
N LEU A 12 -4.04 -8.63 5.33
CA LEU A 12 -3.79 -7.21 5.46
C LEU A 12 -2.61 -6.82 4.58
N VAL A 13 -1.52 -7.58 4.65
CA VAL A 13 -0.34 -7.44 3.80
C VAL A 13 -0.68 -7.72 2.32
N ALA A 14 -1.58 -8.68 2.05
CA ALA A 14 -2.01 -9.03 0.70
C ALA A 14 -2.75 -7.86 0.07
N ALA A 15 -3.73 -7.26 0.75
CA ALA A 15 -4.40 -6.07 0.29
C ALA A 15 -3.42 -4.90 0.23
N ASN A 16 -2.48 -4.82 1.17
CA ASN A 16 -1.44 -3.79 1.17
C ASN A 16 -0.52 -3.89 -0.04
N ALA A 17 -0.45 -5.03 -0.73
CA ALA A 17 0.31 -5.17 -1.96
C ALA A 17 -0.25 -4.19 -3.01
N LYS A 18 -1.59 -4.14 -3.14
CA LYS A 18 -2.28 -3.18 -3.99
C LYS A 18 -2.02 -1.77 -3.46
N ALA A 19 -2.38 -1.56 -2.19
CA ALA A 19 -2.33 -0.27 -1.53
C ALA A 19 -0.98 0.40 -1.72
N ALA A 20 0.11 -0.35 -1.55
CA ALA A 20 1.45 0.16 -1.76
C ALA A 20 1.62 0.64 -3.19
N ALA A 21 1.36 -0.19 -4.20
CA ALA A 21 1.57 0.20 -5.58
C ALA A 21 0.68 1.39 -5.98
N GLU A 22 -0.54 1.42 -5.47
CA GLU A 22 -1.50 2.49 -5.61
C GLU A 22 -0.94 3.79 -5.03
N LEU A 23 -0.43 3.72 -3.80
CA LEU A 23 0.16 4.81 -3.05
C LEU A 23 1.42 5.31 -3.76
N VAL A 24 2.29 4.42 -4.17
CA VAL A 24 3.50 4.68 -4.93
C VAL A 24 3.15 5.36 -6.25
N ALA A 25 2.04 5.02 -6.91
CA ALA A 25 1.58 5.70 -8.10
C ALA A 25 1.21 7.15 -7.77
N ALA A 26 0.39 7.35 -6.73
CA ALA A 26 0.03 8.69 -6.28
C ALA A 26 1.26 9.50 -5.83
N ASN A 27 2.30 8.81 -5.32
CA ASN A 27 3.59 9.37 -4.96
C ASN A 27 4.46 9.67 -6.18
N ALA A 28 4.36 8.90 -7.26
CA ALA A 28 5.05 9.19 -8.51
C ALA A 28 4.45 10.47 -9.08
N LYS A 29 3.12 10.59 -9.02
CA LYS A 29 2.42 11.79 -9.40
C LYS A 29 2.88 12.93 -8.51
N ALA A 30 2.86 12.74 -7.19
CA ALA A 30 3.33 13.71 -6.21
C ALA A 30 4.74 14.19 -6.52
N ALA A 31 5.65 13.31 -6.93
CA ALA A 31 7.02 13.63 -7.30
C ALA A 31 7.04 14.56 -8.51
N ALA A 32 6.33 14.20 -9.58
CA ALA A 32 6.21 15.02 -10.78
C ALA A 32 5.64 16.40 -10.47
N GLU A 33 4.59 16.43 -9.65
CA GLU A 33 3.93 17.62 -9.15
C GLU A 33 4.90 18.44 -8.30
N ALA A 34 5.73 17.81 -7.46
CA ALA A 34 6.72 18.48 -6.65
C ALA A 34 7.78 19.10 -7.54
N VAL A 35 8.25 18.41 -8.58
CA VAL A 35 9.20 18.92 -9.54
C VAL A 35 8.64 20.19 -10.20
N ALA A 36 7.49 20.08 -10.87
CA ALA A 36 6.88 21.15 -11.66
C ALA A 36 6.24 22.28 -10.86
N ARG A 37 5.61 21.99 -9.71
CA ARG A 37 4.84 22.94 -8.92
C ARG A 37 5.14 22.87 -7.42
N ASP A 1 -7.79 -16.72 16.51
CA ASP A 1 -6.64 -17.28 17.22
C ASP A 1 -5.38 -17.19 16.40
N VAL A 2 -4.20 -17.54 16.89
CA VAL A 2 -2.97 -17.36 16.11
C VAL A 2 -3.04 -17.98 14.70
N ALA A 3 -3.85 -19.02 14.48
CA ALA A 3 -4.07 -19.57 13.15
C ALA A 3 -4.83 -18.56 12.28
N SER A 4 -6.03 -18.18 12.73
CA SER A 4 -6.88 -17.20 12.07
C SER A 4 -6.22 -15.82 12.05
N ASP A 5 -5.79 -15.29 13.20
CA ASP A 5 -5.13 -14.01 13.38
C ASP A 5 -3.90 -13.88 12.47
N ALA A 6 -3.17 -14.97 12.20
CA ALA A 6 -2.05 -14.96 11.25
C ALA A 6 -2.56 -14.77 9.81
N LYS A 7 -3.64 -15.45 9.43
CA LYS A 7 -4.28 -15.29 8.12
C LYS A 7 -4.77 -13.87 7.97
N ALA A 8 -5.51 -13.39 8.96
CA ALA A 8 -6.04 -12.03 9.03
C ALA A 8 -4.89 -11.02 8.88
N ALA A 9 -3.74 -11.26 9.49
CA ALA A 9 -2.57 -10.44 9.33
C ALA A 9 -2.02 -10.47 7.91
N ALA A 10 -2.05 -11.62 7.23
CA ALA A 10 -1.66 -11.73 5.83
C ALA A 10 -2.66 -10.99 4.94
N GLU A 11 -3.95 -11.08 5.24
CA GLU A 11 -5.04 -10.38 4.58
C GLU A 11 -4.84 -8.86 4.72
N LEU A 12 -4.46 -8.38 5.91
CA LEU A 12 -4.12 -6.99 6.16
C LEU A 12 -2.91 -6.61 5.30
N VAL A 13 -1.84 -7.40 5.33
CA VAL A 13 -0.64 -7.20 4.53
C VAL A 13 -0.97 -7.17 3.02
N ALA A 14 -1.95 -7.94 2.55
CA ALA A 14 -2.43 -7.90 1.18
C ALA A 14 -3.19 -6.59 0.91
N ALA A 15 -3.97 -6.09 1.87
CA ALA A 15 -4.64 -4.80 1.78
C ALA A 15 -3.58 -3.70 1.72
N ASN A 16 -2.53 -3.82 2.54
CA ASN A 16 -1.36 -2.97 2.57
C ASN A 16 -0.59 -3.08 1.27
N ALA A 17 -0.57 -4.23 0.59
CA ALA A 17 0.09 -4.37 -0.70
C ALA A 17 -0.61 -3.49 -1.73
N LYS A 18 -1.95 -3.56 -1.81
CA LYS A 18 -2.69 -2.68 -2.73
C LYS A 18 -2.45 -1.24 -2.32
N ALA A 19 -2.69 -0.92 -1.04
CA ALA A 19 -2.58 0.40 -0.51
C ALA A 19 -1.20 1.01 -0.79
N ALA A 20 -0.13 0.26 -0.59
CA ALA A 20 1.23 0.66 -0.91
C ALA A 20 1.34 0.93 -2.40
N ALA A 21 0.91 -0.01 -3.25
CA ALA A 21 0.98 0.15 -4.70
C ALA A 21 0.21 1.38 -5.18
N GLU A 22 -0.97 1.62 -4.62
CA GLU A 22 -1.83 2.77 -4.83
C GLU A 22 -1.05 4.04 -4.48
N LEU A 23 -0.45 4.05 -3.30
CA LEU A 23 0.33 5.14 -2.77
C LEU A 23 1.57 5.39 -3.63
N VAL A 24 2.26 4.35 -4.10
CA VAL A 24 3.40 4.39 -5.02
C VAL A 24 2.98 4.95 -6.38
N ALA A 25 1.80 4.57 -6.91
CA ALA A 25 1.29 5.09 -8.16
C ALA A 25 1.02 6.59 -8.03
N ALA A 26 0.35 7.01 -6.95
CA ALA A 26 0.10 8.41 -6.67
C ALA A 26 1.42 9.14 -6.46
N ASN A 27 2.32 8.61 -5.62
CA ASN A 27 3.67 9.10 -5.38
C ASN A 27 4.42 9.35 -6.67
N ALA A 28 4.29 8.46 -7.65
CA ALA A 28 4.92 8.61 -8.95
C ALA A 28 4.55 9.95 -9.54
N LYS A 29 3.24 10.25 -9.62
CA LYS A 29 2.81 11.48 -10.25
C LYS A 29 3.08 12.64 -9.32
N ALA A 30 2.75 12.48 -8.05
CA ALA A 30 2.87 13.50 -7.02
C ALA A 30 4.29 14.03 -6.93
N ALA A 31 5.32 13.18 -7.04
CA ALA A 31 6.71 13.60 -7.08
C ALA A 31 6.98 14.37 -8.38
N ALA A 32 6.47 13.87 -9.51
CA ALA A 32 6.58 14.51 -10.80
C ALA A 32 5.90 15.89 -10.79
N GLU A 33 4.81 16.04 -10.05
CA GLU A 33 4.08 17.26 -9.78
C GLU A 33 4.87 18.15 -8.83
N ALA A 34 5.51 17.61 -7.79
CA ALA A 34 6.36 18.40 -6.92
C ALA A 34 7.49 19.06 -7.74
N VAL A 35 7.93 18.41 -8.82
CA VAL A 35 8.89 18.97 -9.77
C VAL A 35 8.18 19.99 -10.66
N ALA A 36 7.22 19.54 -11.47
CA ALA A 36 6.51 20.32 -12.48
C ALA A 36 5.84 21.55 -11.86
N ARG A 37 4.96 21.33 -10.89
CA ARG A 37 4.29 22.33 -10.06
C ARG A 37 5.20 22.57 -8.83
N ASP A 1 -7.86 -16.12 16.61
CA ASP A 1 -6.75 -16.72 17.39
C ASP A 1 -5.51 -16.82 16.55
N VAL A 2 -4.36 -17.30 17.01
CA VAL A 2 -3.12 -17.19 16.22
C VAL A 2 -3.28 -17.78 14.80
N ALA A 3 -4.17 -18.76 14.59
CA ALA A 3 -4.49 -19.27 13.28
C ALA A 3 -5.17 -18.18 12.44
N SER A 4 -6.37 -17.76 12.86
CA SER A 4 -7.11 -16.76 12.10
C SER A 4 -6.46 -15.37 12.16
N ASP A 5 -5.85 -14.98 13.27
CA ASP A 5 -5.08 -13.75 13.45
C ASP A 5 -3.88 -13.70 12.51
N ALA A 6 -3.18 -14.81 12.31
CA ALA A 6 -2.08 -14.88 11.34
C ALA A 6 -2.64 -14.73 9.91
N LYS A 7 -3.77 -15.40 9.61
CA LYS A 7 -4.43 -15.26 8.31
C LYS A 7 -4.73 -13.81 8.06
N ALA A 8 -5.52 -13.20 8.95
CA ALA A 8 -5.98 -11.83 8.84
C ALA A 8 -4.82 -10.85 8.72
N ALA A 9 -3.72 -11.07 9.44
CA ALA A 9 -2.53 -10.26 9.30
C ALA A 9 -1.95 -10.35 7.89
N ALA A 10 -1.94 -11.53 7.28
CA ALA A 10 -1.46 -11.72 5.92
C ALA A 10 -2.46 -11.17 4.90
N GLU A 11 -3.77 -11.28 5.15
CA GLU A 11 -4.83 -10.69 4.33
C GLU A 11 -4.71 -9.16 4.32
N LEU A 12 -4.36 -8.57 5.48
CA LEU A 12 -4.08 -7.16 5.63
C LEU A 12 -2.88 -6.76 4.80
N VAL A 13 -1.73 -7.40 4.99
CA VAL A 13 -0.53 -7.15 4.19
C VAL A 13 -0.80 -7.36 2.70
N ALA A 14 -1.61 -8.36 2.32
CA ALA A 14 -1.97 -8.64 0.94
C ALA A 14 -2.75 -7.49 0.33
N ALA A 15 -3.80 -7.00 1.01
CA ALA A 15 -4.52 -5.82 0.54
C ALA A 15 -3.59 -4.61 0.51
N ASN A 16 -2.75 -4.47 1.54
CA ASN A 16 -1.79 -3.39 1.68
C ASN A 16 -0.71 -3.43 0.61
N ALA A 17 -0.51 -4.56 -0.09
CA ALA A 17 0.41 -4.64 -1.22
C ALA A 17 -0.11 -3.73 -2.32
N LYS A 18 -1.40 -3.90 -2.65
CA LYS A 18 -2.11 -3.07 -3.62
C LYS A 18 -2.09 -1.64 -3.15
N ALA A 19 -2.63 -1.39 -1.95
CA ALA A 19 -2.74 -0.05 -1.41
C ALA A 19 -1.39 0.70 -1.35
N ALA A 20 -0.30 -0.01 -1.04
CA ALA A 20 1.04 0.56 -1.07
C ALA A 20 1.43 0.89 -2.51
N ALA A 21 1.31 -0.04 -3.46
CA ALA A 21 1.64 0.23 -4.87
C ALA A 21 0.80 1.39 -5.42
N GLU A 22 -0.45 1.49 -5.02
CA GLU A 22 -1.36 2.58 -5.33
C GLU A 22 -0.81 3.90 -4.81
N LEU A 23 -0.33 3.90 -3.57
CA LEU A 23 0.24 5.05 -2.92
C LEU A 23 1.59 5.43 -3.53
N VAL A 24 2.45 4.46 -3.87
CA VAL A 24 3.71 4.65 -4.58
C VAL A 24 3.44 5.29 -5.95
N ALA A 25 2.35 4.92 -6.64
CA ALA A 25 1.97 5.58 -7.88
C ALA A 25 1.59 7.04 -7.60
N ALA A 26 0.80 7.30 -6.56
CA ALA A 26 0.46 8.67 -6.14
C ALA A 26 1.69 9.45 -5.65
N ASN A 27 2.72 8.76 -5.15
CA ASN A 27 4.00 9.31 -4.74
C ASN A 27 4.83 9.67 -5.99
N ALA A 28 4.79 8.83 -7.03
CA ALA A 28 5.42 9.12 -8.31
C ALA A 28 4.76 10.37 -8.90
N LYS A 29 3.42 10.43 -8.81
CA LYS A 29 2.63 11.58 -9.20
C LYS A 29 3.12 12.80 -8.42
N ALA A 30 3.15 12.72 -7.09
CA ALA A 30 3.58 13.79 -6.22
C ALA A 30 4.97 14.33 -6.58
N ALA A 31 5.91 13.46 -6.93
CA ALA A 31 7.23 13.86 -7.40
C ALA A 31 7.08 14.62 -8.72
N ALA A 32 6.36 14.04 -9.69
CA ALA A 32 6.13 14.62 -11.00
C ALA A 32 5.42 15.98 -10.93
N GLU A 33 4.52 16.14 -9.97
CA GLU A 33 3.80 17.34 -9.66
C GLU A 33 4.76 18.38 -9.09
N ALA A 34 5.68 17.99 -8.20
CA ALA A 34 6.71 18.89 -7.71
C ALA A 34 7.64 19.33 -8.85
N VAL A 35 7.98 18.41 -9.78
CA VAL A 35 8.76 18.75 -10.98
C VAL A 35 8.01 19.82 -11.75
N ALA A 36 6.76 19.56 -12.13
CA ALA A 36 5.90 20.45 -12.90
C ALA A 36 5.81 21.83 -12.25
N ARG A 37 5.46 21.88 -10.96
CA ARG A 37 5.36 23.13 -10.21
C ARG A 37 6.74 23.75 -9.88
N ASP A 1 -7.09 -17.71 16.35
CA ASP A 1 -5.85 -18.25 16.95
C ASP A 1 -4.68 -17.94 16.08
N VAL A 2 -3.44 -18.07 16.54
CA VAL A 2 -2.30 -17.55 15.78
C VAL A 2 -2.28 -18.09 14.34
N ALA A 3 -2.77 -19.30 14.08
CA ALA A 3 -2.91 -19.80 12.73
C ALA A 3 -3.93 -18.95 11.95
N SER A 4 -5.17 -18.87 12.43
CA SER A 4 -6.22 -18.08 11.77
C SER A 4 -5.96 -16.56 11.86
N ASP A 5 -5.58 -16.01 13.01
CA ASP A 5 -5.19 -14.61 13.20
C ASP A 5 -4.12 -14.23 12.19
N ALA A 6 -3.01 -14.98 12.10
CA ALA A 6 -1.92 -14.71 11.16
C ALA A 6 -2.41 -14.75 9.71
N LYS A 7 -3.39 -15.61 9.39
CA LYS A 7 -3.98 -15.71 8.07
C LYS A 7 -4.63 -14.36 7.71
N ALA A 8 -5.57 -13.92 8.54
CA ALA A 8 -6.22 -12.62 8.37
C ALA A 8 -5.21 -11.48 8.40
N ALA A 9 -4.16 -11.54 9.23
CA ALA A 9 -3.11 -10.55 9.31
C ALA A 9 -2.31 -10.46 8.00
N ALA A 10 -2.00 -11.60 7.37
CA ALA A 10 -1.34 -11.59 6.07
C ALA A 10 -2.26 -11.00 5.02
N GLU A 11 -3.56 -11.31 5.08
CA GLU A 11 -4.57 -10.72 4.23
C GLU A 11 -4.73 -9.22 4.50
N LEU A 12 -4.47 -8.76 5.72
CA LEU A 12 -4.45 -7.36 6.09
C LEU A 12 -3.28 -6.66 5.43
N VAL A 13 -2.06 -7.19 5.60
CA VAL A 13 -0.86 -6.71 4.94
C VAL A 13 -1.03 -6.74 3.43
N ALA A 14 -1.78 -7.69 2.86
CA ALA A 14 -2.10 -7.75 1.43
C ALA A 14 -2.95 -6.54 1.04
N ALA A 15 -4.10 -6.34 1.70
CA ALA A 15 -4.99 -5.21 1.46
C ALA A 15 -4.26 -3.87 1.60
N ASN A 16 -3.39 -3.77 2.60
CA ASN A 16 -2.50 -2.65 2.84
C ASN A 16 -1.44 -2.50 1.76
N ALA A 17 -0.86 -3.58 1.26
CA ALA A 17 0.17 -3.54 0.22
C ALA A 17 -0.41 -3.06 -1.10
N LYS A 18 -1.66 -3.40 -1.39
CA LYS A 18 -2.38 -2.90 -2.55
C LYS A 18 -2.50 -1.39 -2.42
N ALA A 19 -3.09 -0.94 -1.30
CA ALA A 19 -3.22 0.46 -0.95
C ALA A 19 -1.87 1.20 -0.98
N ALA A 20 -0.77 0.55 -0.58
CA ALA A 20 0.57 1.09 -0.62
C ALA A 20 1.03 1.29 -2.05
N ALA A 21 0.85 0.31 -2.94
CA ALA A 21 1.21 0.46 -4.34
C ALA A 21 0.39 1.57 -5.01
N GLU A 22 -0.87 1.70 -4.61
CA GLU A 22 -1.76 2.76 -5.05
C GLU A 22 -1.29 4.13 -4.55
N LEU A 23 -0.72 4.18 -3.35
CA LEU A 23 -0.12 5.35 -2.74
C LEU A 23 1.12 5.75 -3.52
N VAL A 24 2.04 4.82 -3.74
CA VAL A 24 3.23 4.96 -4.57
C VAL A 24 2.85 5.44 -5.98
N ALA A 25 1.77 4.94 -6.57
CA ALA A 25 1.30 5.39 -7.88
C ALA A 25 0.89 6.86 -7.83
N ALA A 26 0.12 7.28 -6.82
CA ALA A 26 -0.24 8.69 -6.66
C ALA A 26 1.02 9.54 -6.42
N ASN A 27 1.94 9.03 -5.61
CA ASN A 27 3.24 9.63 -5.36
C ASN A 27 4.11 9.74 -6.61
N ALA A 28 3.92 8.88 -7.62
CA ALA A 28 4.62 9.00 -8.88
C ALA A 28 4.20 10.31 -9.55
N LYS A 29 2.91 10.64 -9.49
CA LYS A 29 2.42 11.92 -9.98
C LYS A 29 3.03 13.04 -9.15
N ALA A 30 2.85 13.00 -7.83
CA ALA A 30 3.34 14.04 -6.93
C ALA A 30 4.83 14.34 -7.12
N ALA A 31 5.64 13.31 -7.37
CA ALA A 31 7.06 13.47 -7.63
C ALA A 31 7.28 14.14 -8.99
N ALA A 32 6.61 13.68 -10.04
CA ALA A 32 6.68 14.26 -11.37
C ALA A 32 6.25 15.73 -11.36
N GLU A 33 5.20 16.03 -10.59
CA GLU A 33 4.67 17.35 -10.33
C GLU A 33 5.76 18.17 -9.64
N ALA A 34 6.30 17.72 -8.51
CA ALA A 34 7.35 18.43 -7.78
C ALA A 34 8.56 18.72 -8.68
N VAL A 35 8.94 17.80 -9.56
CA VAL A 35 9.99 17.99 -10.55
C VAL A 35 9.61 19.14 -11.48
N ALA A 36 8.45 19.07 -12.13
CA ALA A 36 7.97 20.06 -13.10
C ALA A 36 7.72 21.43 -12.45
N ARG A 37 7.34 21.47 -11.17
CA ARG A 37 7.19 22.71 -10.40
C ARG A 37 8.55 23.28 -9.97
N ASP A 1 -7.48 -16.58 16.76
CA ASP A 1 -6.40 -17.36 17.38
C ASP A 1 -5.21 -17.43 16.49
N VAL A 2 -4.05 -17.95 16.92
CA VAL A 2 -2.82 -17.79 16.13
C VAL A 2 -3.02 -18.14 14.67
N ALA A 3 -3.74 -19.21 14.35
CA ALA A 3 -4.11 -19.58 12.99
C ALA A 3 -4.90 -18.47 12.28
N SER A 4 -6.05 -18.11 12.82
CA SER A 4 -6.93 -17.09 12.26
C SER A 4 -6.21 -15.73 12.24
N ASP A 5 -5.67 -15.30 13.37
CA ASP A 5 -4.87 -14.09 13.56
C ASP A 5 -3.73 -14.02 12.55
N ALA A 6 -3.04 -15.14 12.29
CA ALA A 6 -1.92 -15.21 11.37
C ALA A 6 -2.42 -14.99 9.94
N LYS A 7 -3.56 -15.60 9.59
CA LYS A 7 -4.20 -15.43 8.29
C LYS A 7 -4.55 -13.96 8.09
N ALA A 8 -5.31 -13.43 9.03
CA ALA A 8 -5.80 -12.07 9.03
C ALA A 8 -4.63 -11.10 8.87
N ALA A 9 -3.52 -11.32 9.57
CA ALA A 9 -2.33 -10.51 9.43
C ALA A 9 -1.75 -10.51 8.01
N ALA A 10 -1.82 -11.65 7.30
CA ALA A 10 -1.39 -11.74 5.90
C ALA A 10 -2.41 -11.08 4.98
N GLU A 11 -3.70 -11.31 5.21
CA GLU A 11 -4.82 -10.74 4.47
C GLU A 11 -4.82 -9.20 4.57
N LEU A 12 -4.48 -8.68 5.74
CA LEU A 12 -4.30 -7.26 6.01
C LEU A 12 -3.20 -6.73 5.11
N VAL A 13 -2.02 -7.34 5.13
CA VAL A 13 -0.90 -6.99 4.26
C VAL A 13 -1.27 -7.14 2.78
N ALA A 14 -2.13 -8.09 2.40
CA ALA A 14 -2.58 -8.23 1.02
C ALA A 14 -3.42 -7.04 0.59
N ALA A 15 -4.41 -6.64 1.40
CA ALA A 15 -5.22 -5.46 1.14
C ALA A 15 -4.35 -4.20 1.18
N ASN A 16 -3.39 -4.16 2.09
CA ASN A 16 -2.45 -3.07 2.27
C ASN A 16 -1.43 -3.03 1.14
N ALA A 17 -1.20 -4.10 0.39
CA ALA A 17 -0.34 -4.09 -0.78
C ALA A 17 -0.98 -3.22 -1.86
N LYS A 18 -2.32 -3.27 -2.00
CA LYS A 18 -3.02 -2.37 -2.92
C LYS A 18 -2.79 -0.95 -2.46
N ALA A 19 -3.07 -0.68 -1.18
CA ALA A 19 -2.89 0.61 -0.56
C ALA A 19 -1.48 1.15 -0.82
N ALA A 20 -0.45 0.31 -0.64
CA ALA A 20 0.94 0.64 -0.88
C ALA A 20 1.16 1.02 -2.34
N ALA A 21 0.70 0.19 -3.28
CA ALA A 21 0.83 0.46 -4.70
C ALA A 21 0.06 1.72 -5.13
N GLU A 22 -1.06 1.99 -4.48
CA GLU A 22 -1.88 3.19 -4.64
C GLU A 22 -1.14 4.42 -4.13
N LEU A 23 -0.52 4.32 -2.96
CA LEU A 23 0.30 5.36 -2.37
C LEU A 23 1.49 5.65 -3.27
N VAL A 24 2.16 4.62 -3.78
CA VAL A 24 3.23 4.73 -4.76
C VAL A 24 2.73 5.37 -6.06
N ALA A 25 1.51 5.07 -6.52
CA ALA A 25 0.95 5.71 -7.70
C ALA A 25 0.72 7.21 -7.47
N ALA A 26 0.12 7.58 -6.34
CA ALA A 26 -0.09 8.98 -5.98
C ALA A 26 1.25 9.69 -5.82
N ASN A 27 2.19 9.05 -5.13
CA ASN A 27 3.57 9.51 -4.95
C ASN A 27 4.25 9.69 -6.30
N ALA A 28 4.02 8.79 -7.25
CA ALA A 28 4.60 8.87 -8.58
C ALA A 28 4.12 10.13 -9.28
N LYS A 29 2.81 10.42 -9.20
CA LYS A 29 2.22 11.63 -9.73
C LYS A 29 2.85 12.83 -9.02
N ALA A 30 2.65 12.91 -7.70
CA ALA A 30 3.04 14.01 -6.85
C ALA A 30 4.51 14.38 -7.01
N ALA A 31 5.41 13.41 -7.08
CA ALA A 31 6.83 13.63 -7.33
C ALA A 31 7.02 14.32 -8.69
N ALA A 32 6.44 13.76 -9.74
CA ALA A 32 6.56 14.27 -11.09
C ALA A 32 6.02 15.70 -11.17
N GLU A 33 4.85 15.93 -10.59
CA GLU A 33 4.17 17.21 -10.45
C GLU A 33 5.09 18.22 -9.74
N ALA A 34 5.64 17.85 -8.59
CA ALA A 34 6.52 18.69 -7.81
C ALA A 34 7.81 19.03 -8.57
N VAL A 35 8.30 18.14 -9.43
CA VAL A 35 9.44 18.42 -10.29
C VAL A 35 9.03 19.39 -11.41
N ALA A 36 7.92 19.11 -12.08
CA ALA A 36 7.43 19.88 -13.23
C ALA A 36 7.11 21.32 -12.80
N ARG A 37 6.14 21.48 -11.90
CA ARG A 37 5.77 22.77 -11.31
C ARG A 37 5.35 22.52 -9.87
N ASP A 1 -7.77 -16.19 16.80
CA ASP A 1 -6.60 -16.72 17.54
C ASP A 1 -5.37 -16.67 16.68
N VAL A 2 -4.16 -17.03 17.13
CA VAL A 2 -2.98 -16.80 16.31
C VAL A 2 -3.10 -17.43 14.90
N ALA A 3 -3.87 -18.51 14.73
CA ALA A 3 -4.14 -19.07 13.42
C ALA A 3 -4.97 -18.09 12.58
N SER A 4 -6.18 -17.76 13.05
CA SER A 4 -7.06 -16.81 12.37
C SER A 4 -6.38 -15.44 12.28
N ASP A 5 -5.89 -14.91 13.40
CA ASP A 5 -5.24 -13.63 13.49
C ASP A 5 -4.01 -13.51 12.59
N ALA A 6 -3.23 -14.58 12.38
CA ALA A 6 -2.13 -14.57 11.42
C ALA A 6 -2.63 -14.67 9.98
N LYS A 7 -3.72 -15.41 9.72
CA LYS A 7 -4.33 -15.44 8.38
C LYS A 7 -4.74 -14.02 8.04
N ALA A 8 -5.50 -13.42 8.94
CA ALA A 8 -5.92 -12.04 8.90
C ALA A 8 -4.72 -11.10 8.77
N ALA A 9 -3.58 -11.39 9.42
CA ALA A 9 -2.36 -10.62 9.25
C ALA A 9 -1.84 -10.72 7.81
N ALA A 10 -1.90 -11.88 7.17
CA ALA A 10 -1.52 -12.00 5.75
C ALA A 10 -2.54 -11.27 4.89
N GLU A 11 -3.82 -11.26 5.25
CA GLU A 11 -4.85 -10.49 4.59
C GLU A 11 -4.60 -8.99 4.76
N LEU A 12 -4.02 -8.56 5.88
CA LEU A 12 -3.60 -7.19 6.13
C LEU A 12 -2.47 -6.85 5.16
N VAL A 13 -1.46 -7.72 5.06
CA VAL A 13 -0.36 -7.62 4.11
C VAL A 13 -0.85 -7.63 2.66
N ALA A 14 -1.96 -8.30 2.34
CA ALA A 14 -2.59 -8.27 1.03
C ALA A 14 -3.22 -6.90 0.77
N ALA A 15 -4.01 -6.41 1.73
CA ALA A 15 -4.60 -5.08 1.68
C ALA A 15 -3.51 -4.03 1.50
N ASN A 16 -2.38 -4.22 2.19
CA ASN A 16 -1.17 -3.41 2.06
C ASN A 16 -0.47 -3.60 0.73
N ALA A 17 -0.42 -4.81 0.16
CA ALA A 17 0.17 -5.02 -1.16
C ALA A 17 -0.53 -4.16 -2.19
N LYS A 18 -1.87 -4.12 -2.15
CA LYS A 18 -2.69 -3.26 -2.99
C LYS A 18 -2.44 -1.81 -2.64
N ALA A 19 -2.83 -1.40 -1.43
CA ALA A 19 -2.81 -0.03 -0.97
C ALA A 19 -1.47 0.65 -1.11
N ALA A 20 -0.37 -0.03 -0.78
CA ALA A 20 0.96 0.55 -0.86
C ALA A 20 1.38 0.72 -2.32
N ALA A 21 1.04 -0.22 -3.21
CA ALA A 21 1.35 -0.09 -4.62
C ALA A 21 0.54 1.04 -5.26
N GLU A 22 -0.72 1.18 -4.85
CA GLU A 22 -1.62 2.25 -5.22
C GLU A 22 -1.05 3.59 -4.77
N LEU A 23 -0.53 3.65 -3.54
CA LEU A 23 0.07 4.84 -2.97
C LEU A 23 1.35 5.20 -3.72
N VAL A 24 2.25 4.24 -3.99
CA VAL A 24 3.44 4.43 -4.81
C VAL A 24 3.08 4.91 -6.22
N ALA A 25 1.97 4.45 -6.79
CA ALA A 25 1.52 4.91 -8.10
C ALA A 25 1.18 6.40 -8.05
N ALA A 26 0.35 6.80 -7.09
CA ALA A 26 -0.02 8.20 -6.86
C ALA A 26 1.21 9.05 -6.50
N ASN A 27 2.14 8.49 -5.73
CA ASN A 27 3.42 9.10 -5.37
C ASN A 27 4.22 9.45 -6.61
N ALA A 28 4.13 8.67 -7.69
CA ALA A 28 4.78 9.02 -8.94
C ALA A 28 4.24 10.35 -9.46
N LYS A 29 2.91 10.51 -9.46
CA LYS A 29 2.28 11.75 -9.89
C LYS A 29 2.75 12.89 -9.02
N ALA A 30 2.55 12.78 -7.71
CA ALA A 30 2.91 13.78 -6.74
C ALA A 30 4.38 14.17 -6.85
N ALA A 31 5.28 13.21 -7.10
CA ALA A 31 6.70 13.48 -7.31
C ALA A 31 6.91 14.31 -8.57
N ALA A 32 6.30 13.91 -9.69
CA ALA A 32 6.39 14.64 -10.94
C ALA A 32 5.90 16.07 -10.77
N GLU A 33 4.77 16.24 -10.09
CA GLU A 33 4.19 17.50 -9.71
C GLU A 33 5.17 18.30 -8.85
N ALA A 34 5.80 17.68 -7.84
CA ALA A 34 6.77 18.35 -6.97
C ALA A 34 7.97 18.88 -7.75
N VAL A 35 8.38 18.26 -8.87
CA VAL A 35 9.43 18.81 -9.71
C VAL A 35 8.90 20.10 -10.35
N ALA A 36 7.74 20.02 -11.01
CA ALA A 36 7.12 21.14 -11.72
C ALA A 36 6.78 22.30 -10.78
N ARG A 37 6.48 22.03 -9.50
CA ARG A 37 6.26 23.05 -8.48
C ARG A 37 7.54 23.85 -8.16
N ASP A 1 -7.89 -15.68 17.04
CA ASP A 1 -6.78 -16.33 17.74
C ASP A 1 -5.56 -16.36 16.87
N VAL A 2 -4.37 -16.74 17.35
CA VAL A 2 -3.17 -16.61 16.51
C VAL A 2 -3.35 -17.28 15.15
N ALA A 3 -4.13 -18.35 15.05
CA ALA A 3 -4.46 -18.96 13.76
C ALA A 3 -5.15 -17.94 12.85
N SER A 4 -6.33 -17.46 13.26
CA SER A 4 -7.08 -16.49 12.48
C SER A 4 -6.43 -15.12 12.46
N ASP A 5 -5.98 -14.56 13.59
CA ASP A 5 -5.24 -13.30 13.62
C ASP A 5 -4.00 -13.32 12.72
N ALA A 6 -3.30 -14.45 12.54
CA ALA A 6 -2.19 -14.55 11.60
C ALA A 6 -2.68 -14.62 10.15
N LYS A 7 -3.78 -15.33 9.90
CA LYS A 7 -4.33 -15.47 8.55
C LYS A 7 -4.80 -14.09 8.10
N ALA A 8 -5.54 -13.40 8.98
CA ALA A 8 -5.97 -12.03 8.82
C ALA A 8 -4.79 -11.10 8.61
N ALA A 9 -3.65 -11.31 9.31
CA ALA A 9 -2.44 -10.56 9.09
C ALA A 9 -1.89 -10.75 7.67
N ALA A 10 -2.02 -11.95 7.08
CA ALA A 10 -1.63 -12.19 5.69
C ALA A 10 -2.59 -11.47 4.75
N GLU A 11 -3.88 -11.52 5.02
CA GLU A 11 -4.95 -10.84 4.29
C GLU A 11 -4.78 -9.31 4.34
N LEU A 12 -4.25 -8.79 5.45
CA LEU A 12 -3.89 -7.41 5.66
C LEU A 12 -2.72 -7.06 4.74
N VAL A 13 -1.60 -7.76 4.87
CA VAL A 13 -0.40 -7.59 4.06
C VAL A 13 -0.71 -7.72 2.56
N ALA A 14 -1.67 -8.56 2.17
CA ALA A 14 -2.15 -8.69 0.80
C ALA A 14 -2.80 -7.38 0.36
N ALA A 15 -3.85 -6.95 1.07
CA ALA A 15 -4.56 -5.72 0.76
C ALA A 15 -3.66 -4.50 0.82
N ASN A 16 -2.64 -4.55 1.68
CA ASN A 16 -1.64 -3.53 1.86
C ASN A 16 -0.63 -3.55 0.72
N ALA A 17 -0.41 -4.68 0.04
CA ALA A 17 0.45 -4.73 -1.14
C ALA A 17 -0.18 -3.84 -2.22
N LYS A 18 -1.49 -3.99 -2.43
CA LYS A 18 -2.27 -3.15 -3.33
C LYS A 18 -2.10 -1.70 -2.90
N ALA A 19 -2.48 -1.38 -1.66
CA ALA A 19 -2.45 -0.05 -1.10
C ALA A 19 -1.09 0.62 -1.29
N ALA A 20 0.01 -0.12 -1.08
CA ALA A 20 1.36 0.37 -1.27
C ALA A 20 1.60 0.71 -2.74
N ALA A 21 1.26 -0.16 -3.68
CA ALA A 21 1.45 0.12 -5.10
C ALA A 21 0.61 1.30 -5.56
N GLU A 22 -0.60 1.43 -5.03
CA GLU A 22 -1.53 2.53 -5.23
C GLU A 22 -0.91 3.83 -4.71
N LEU A 23 -0.32 3.79 -3.51
CA LEU A 23 0.36 4.90 -2.87
C LEU A 23 1.60 5.30 -3.65
N VAL A 24 2.41 4.35 -4.11
CA VAL A 24 3.58 4.57 -4.96
C VAL A 24 3.16 5.26 -6.27
N ALA A 25 2.00 4.92 -6.84
CA ALA A 25 1.48 5.59 -8.02
C ALA A 25 1.08 7.04 -7.70
N ALA A 26 0.46 7.28 -6.55
CA ALA A 26 0.10 8.61 -6.09
C ALA A 26 1.34 9.44 -5.78
N ASN A 27 2.35 8.83 -5.18
CA ASN A 27 3.67 9.36 -4.89
C ASN A 27 4.38 9.76 -6.17
N ALA A 28 4.32 8.94 -7.21
CA ALA A 28 4.87 9.26 -8.52
C ALA A 28 4.26 10.58 -9.03
N LYS A 29 2.93 10.71 -8.93
CA LYS A 29 2.21 11.91 -9.33
C LYS A 29 2.66 13.11 -8.54
N ALA A 30 2.60 13.01 -7.21
CA ALA A 30 2.98 14.04 -6.29
C ALA A 30 4.42 14.50 -6.53
N ALA A 31 5.34 13.57 -6.80
CA ALA A 31 6.72 13.88 -7.15
C ALA A 31 6.80 14.61 -8.50
N ALA A 32 6.05 14.15 -9.51
CA ALA A 32 5.99 14.78 -10.80
C ALA A 32 5.49 16.22 -10.66
N GLU A 33 4.50 16.43 -9.78
CA GLU A 33 3.96 17.71 -9.38
C GLU A 33 4.93 18.51 -8.52
N ALA A 34 5.78 17.89 -7.72
CA ALA A 34 6.81 18.58 -6.96
C ALA A 34 7.87 19.12 -7.91
N VAL A 35 8.12 18.45 -9.04
CA VAL A 35 9.02 18.94 -10.07
C VAL A 35 8.30 20.04 -10.87
N ALA A 36 7.24 19.68 -11.59
CA ALA A 36 6.51 20.54 -12.52
C ALA A 36 5.84 21.76 -11.87
N ARG A 37 5.49 21.68 -10.59
CA ARG A 37 4.79 22.73 -9.85
C ARG A 37 5.46 22.92 -8.49
N ASP A 1 -7.91 -15.74 16.81
CA ASP A 1 -6.80 -16.36 17.54
C ASP A 1 -5.60 -16.58 16.64
N VAL A 2 -4.45 -17.04 17.11
CA VAL A 2 -3.24 -17.12 16.26
C VAL A 2 -3.52 -17.83 14.93
N ALA A 3 -4.48 -18.76 14.87
CA ALA A 3 -4.91 -19.38 13.62
C ALA A 3 -5.55 -18.35 12.68
N SER A 4 -6.68 -17.79 13.07
CA SER A 4 -7.37 -16.79 12.25
C SER A 4 -6.58 -15.48 12.17
N ASP A 5 -6.04 -14.96 13.27
CA ASP A 5 -5.17 -13.79 13.32
C ASP A 5 -3.99 -13.91 12.36
N ALA A 6 -3.38 -15.10 12.21
CA ALA A 6 -2.30 -15.28 11.23
C ALA A 6 -2.83 -15.11 9.80
N LYS A 7 -4.02 -15.62 9.50
CA LYS A 7 -4.62 -15.45 8.18
C LYS A 7 -4.94 -14.00 7.96
N ALA A 8 -5.58 -13.38 8.94
CA ALA A 8 -5.89 -11.97 8.99
C ALA A 8 -4.63 -11.11 8.82
N ALA A 9 -3.48 -11.55 9.33
CA ALA A 9 -2.21 -10.88 9.15
C ALA A 9 -1.76 -10.93 7.70
N ALA A 10 -1.96 -12.06 7.01
CA ALA A 10 -1.69 -12.17 5.59
C ALA A 10 -2.64 -11.26 4.81
N GLU A 11 -3.92 -11.23 5.18
CA GLU A 11 -4.95 -10.39 4.60
C GLU A 11 -4.66 -8.90 4.83
N LEU A 12 -4.10 -8.53 5.99
CA LEU A 12 -3.66 -7.18 6.31
C LEU A 12 -2.55 -6.78 5.36
N VAL A 13 -1.50 -7.59 5.27
CA VAL A 13 -0.35 -7.36 4.41
C VAL A 13 -0.78 -7.37 2.94
N ALA A 14 -1.80 -8.14 2.55
CA ALA A 14 -2.36 -8.12 1.20
C ALA A 14 -3.00 -6.76 0.91
N ALA A 15 -3.86 -6.29 1.81
CA ALA A 15 -4.55 -5.01 1.66
C ALA A 15 -3.54 -3.86 1.58
N ASN A 16 -2.54 -3.93 2.46
CA ASN A 16 -1.40 -3.03 2.50
C ASN A 16 -0.54 -3.10 1.25
N ALA A 17 -0.27 -4.29 0.70
CA ALA A 17 0.51 -4.44 -0.53
C ALA A 17 -0.18 -3.75 -1.70
N LYS A 18 -1.51 -3.87 -1.80
CA LYS A 18 -2.29 -3.16 -2.81
C LYS A 18 -2.15 -1.66 -2.58
N ALA A 19 -2.57 -1.22 -1.41
CA ALA A 19 -2.59 0.17 -0.99
C ALA A 19 -1.24 0.85 -1.23
N ALA A 20 -0.13 0.15 -0.97
CA ALA A 20 1.22 0.65 -1.14
C ALA A 20 1.52 0.94 -2.61
N ALA A 21 1.20 0.01 -3.51
CA ALA A 21 1.41 0.20 -4.95
C ALA A 21 0.50 1.30 -5.49
N GLU A 22 -0.72 1.39 -4.98
CA GLU A 22 -1.67 2.43 -5.28
C GLU A 22 -1.11 3.79 -4.86
N LEU A 23 -0.49 3.85 -3.68
CA LEU A 23 0.14 5.03 -3.12
C LEU A 23 1.34 5.43 -3.98
N VAL A 24 2.20 4.49 -4.36
CA VAL A 24 3.32 4.71 -5.28
C VAL A 24 2.85 5.31 -6.61
N ALA A 25 1.76 4.83 -7.20
CA ALA A 25 1.25 5.36 -8.46
C ALA A 25 0.84 6.83 -8.30
N ALA A 26 0.00 7.14 -7.31
CA ALA A 26 -0.37 8.52 -7.03
C ALA A 26 0.85 9.36 -6.62
N ASN A 27 1.88 8.73 -6.05
CA ASN A 27 3.15 9.36 -5.72
C ASN A 27 4.00 9.62 -6.96
N ALA A 28 3.83 8.88 -8.06
CA ALA A 28 4.53 9.18 -9.30
C ALA A 28 3.97 10.49 -9.87
N LYS A 29 2.64 10.66 -9.79
CA LYS A 29 1.96 11.89 -10.16
C LYS A 29 2.49 13.01 -9.27
N ALA A 30 2.42 12.82 -7.95
CA ALA A 30 2.91 13.75 -6.96
C ALA A 30 4.37 14.13 -7.19
N ALA A 31 5.23 13.18 -7.54
CA ALA A 31 6.64 13.43 -7.80
C ALA A 31 6.82 14.30 -9.04
N ALA A 32 6.01 14.09 -10.09
CA ALA A 32 6.04 14.91 -11.28
C ALA A 32 5.60 16.33 -10.95
N GLU A 33 4.52 16.47 -10.18
CA GLU A 33 3.99 17.72 -9.66
C GLU A 33 5.04 18.43 -8.78
N ALA A 34 5.74 17.68 -7.92
CA ALA A 34 6.76 18.18 -7.02
C ALA A 34 7.93 18.76 -7.83
N VAL A 35 8.38 18.04 -8.85
CA VAL A 35 9.44 18.53 -9.73
C VAL A 35 8.94 19.77 -10.48
N ALA A 36 7.68 19.79 -10.92
CA ALA A 36 7.09 20.94 -11.59
C ALA A 36 7.05 22.17 -10.68
N ARG A 37 6.87 21.99 -9.36
CA ARG A 37 6.94 23.08 -8.39
C ARG A 37 8.39 23.55 -8.17
N ASP A 1 -7.31 -16.52 16.74
CA ASP A 1 -6.10 -16.94 17.49
C ASP A 1 -4.88 -16.90 16.63
N VAL A 2 -3.66 -17.11 17.14
CA VAL A 2 -2.45 -16.99 16.30
C VAL A 2 -2.57 -17.71 14.96
N ALA A 3 -3.26 -18.83 14.88
CA ALA A 3 -3.53 -19.49 13.61
C ALA A 3 -4.35 -18.58 12.68
N SER A 4 -5.59 -18.29 13.06
CA SER A 4 -6.48 -17.45 12.23
C SER A 4 -5.99 -16.01 12.15
N ASP A 5 -5.47 -15.43 13.22
CA ASP A 5 -4.85 -14.11 13.27
C ASP A 5 -3.68 -14.02 12.31
N ALA A 6 -2.87 -15.09 12.14
CA ALA A 6 -1.80 -15.08 11.15
C ALA A 6 -2.39 -14.99 9.74
N LYS A 7 -3.51 -15.66 9.47
CA LYS A 7 -4.19 -15.52 8.18
C LYS A 7 -4.63 -14.07 8.03
N ALA A 8 -5.39 -13.58 9.00
CA ALA A 8 -5.95 -12.23 9.00
C ALA A 8 -4.87 -11.17 8.80
N ALA A 9 -3.68 -11.37 9.36
CA ALA A 9 -2.53 -10.52 9.18
C ALA A 9 -2.04 -10.56 7.74
N ALA A 10 -1.83 -11.73 7.15
CA ALA A 10 -1.40 -11.85 5.75
C ALA A 10 -2.44 -11.25 4.80
N GLU A 11 -3.72 -11.45 5.09
CA GLU A 11 -4.84 -10.87 4.39
C GLU A 11 -4.77 -9.34 4.45
N LEU A 12 -4.45 -8.79 5.62
CA LEU A 12 -4.32 -7.36 5.82
C LEU A 12 -3.09 -6.86 5.07
N VAL A 13 -1.96 -7.54 5.13
CA VAL A 13 -0.76 -7.21 4.36
C VAL A 13 -1.07 -7.20 2.86
N ALA A 14 -1.96 -8.05 2.35
CA ALA A 14 -2.39 -8.01 0.96
C ALA A 14 -3.19 -6.73 0.67
N ALA A 15 -4.12 -6.35 1.55
CA ALA A 15 -4.85 -5.10 1.44
C ALA A 15 -3.91 -3.91 1.49
N ASN A 16 -2.92 -3.96 2.39
CA ASN A 16 -1.88 -2.96 2.56
C ASN A 16 -0.98 -2.89 1.33
N ALA A 17 -0.70 -4.01 0.66
CA ALA A 17 0.05 -4.02 -0.58
C ALA A 17 -0.68 -3.20 -1.65
N LYS A 18 -2.01 -3.33 -1.74
CA LYS A 18 -2.81 -2.54 -2.68
C LYS A 18 -2.68 -1.06 -2.33
N ALA A 19 -2.97 -0.72 -1.08
CA ALA A 19 -2.89 0.64 -0.58
C ALA A 19 -1.50 1.25 -0.81
N ALA A 20 -0.43 0.47 -0.60
CA ALA A 20 0.94 0.90 -0.85
C ALA A 20 1.17 1.14 -2.34
N ALA A 21 0.66 0.28 -3.21
CA ALA A 21 0.76 0.45 -4.66
C ALA A 21 0.04 1.72 -5.10
N GLU A 22 -1.16 1.95 -4.56
CA GLU A 22 -1.96 3.14 -4.75
C GLU A 22 -1.24 4.38 -4.22
N LEU A 23 -0.54 4.27 -3.09
CA LEU A 23 0.27 5.33 -2.53
C LEU A 23 1.38 5.68 -3.52
N VAL A 24 2.15 4.69 -3.96
CA VAL A 24 3.24 4.87 -4.92
C VAL A 24 2.70 5.43 -6.25
N ALA A 25 1.50 5.04 -6.68
CA ALA A 25 0.87 5.57 -7.89
C ALA A 25 0.61 7.07 -7.75
N ALA A 26 -0.07 7.50 -6.68
CA ALA A 26 -0.30 8.91 -6.44
C ALA A 26 1.02 9.66 -6.25
N ASN A 27 1.98 9.03 -5.56
CA ASN A 27 3.33 9.55 -5.38
C ASN A 27 4.11 9.63 -6.70
N ALA A 28 3.74 8.87 -7.73
CA ALA A 28 4.34 8.98 -9.05
C ALA A 28 3.99 10.35 -9.60
N LYS A 29 2.71 10.69 -9.55
CA LYS A 29 2.17 11.99 -9.94
C LYS A 29 2.83 13.07 -9.08
N ALA A 30 2.75 12.93 -7.76
CA ALA A 30 3.24 13.90 -6.80
C ALA A 30 4.71 14.22 -7.01
N ALA A 31 5.57 13.24 -7.27
CA ALA A 31 6.99 13.50 -7.49
C ALA A 31 7.22 14.23 -8.81
N ALA A 32 6.50 13.87 -9.89
CA ALA A 32 6.56 14.57 -11.14
C ALA A 32 6.13 16.04 -10.96
N GLU A 33 5.06 16.25 -10.20
CA GLU A 33 4.55 17.55 -9.80
C GLU A 33 5.62 18.28 -8.99
N ALA A 34 6.22 17.65 -7.99
CA ALA A 34 7.26 18.24 -7.15
C ALA A 34 8.46 18.71 -7.99
N VAL A 35 8.82 17.96 -9.04
CA VAL A 35 9.85 18.37 -9.98
C VAL A 35 9.38 19.61 -10.76
N ALA A 36 8.14 19.63 -11.23
CA ALA A 36 7.56 20.81 -11.90
C ALA A 36 7.48 22.01 -10.96
N ARG A 37 7.34 21.79 -9.64
CA ARG A 37 7.37 22.84 -8.62
C ARG A 37 8.81 23.22 -8.25
#